data_8OP8
#
_entry.id   8OP8
#
_cell.length_a   1.00
_cell.length_b   1.00
_cell.length_c   1.00
_cell.angle_alpha   90.00
_cell.angle_beta   90.00
_cell.angle_gamma   90.00
#
_symmetry.space_group_name_H-M   'P 1'
#
loop_
_entity.id
_entity.type
_entity.pdbx_description
1 polymer 'Unknown helix'
2 polymer 'Cation-transporting ATPase-like protein'
3 non-polymer 'TETRAFLUOROALUMINATE ION'
4 non-polymer 'MAGNESIUM ION'
5 non-polymer 'CALCIUM ION'
#
loop_
_entity_poly.entity_id
_entity_poly.type
_entity_poly.pdbx_seq_one_letter_code
_entity_poly.pdbx_strand_id
1 'polypeptide(L)'
;(UNK)(UNK)(UNK)(UNK)(UNK)(UNK)(UNK)(UNK)(UNK)(UNK)(UNK)(UNK)(UNK)(UNK)(UNK)(UNK)
(UNK)(UNK)(UNK)(UNK)(UNK)(UNK)(UNK)(UNK)(UNK)(UNK)(UNK)(UNK)(UNK)(UNK)(UNK)
;
B
2 'polypeptide(L)'
;MAPLVDNPQIKSAELLRPLPLYQHAYVWPYVIVWPVFLRVYLTQELYDKYIGAQEWTFVWIISIVTFQTLTWLCTHWSVN
LNALFTAKKASSIEDAQLIKVIPVANAGAADICKLVRDKVGDNKTNISFLFQKRRFLWYPERKAFSTLEFDIDAEPKPTL
SKFQLSRGIESEDELKRLEQHYGTNTFDIPVPTFTELFKEHAVAPFFVFQVFCVGLWLLDEYWYYSLFTLVMLVVFESTV
VWQRQRTLTEFRSMSIKPYPIYVYRLGKWTEIQSDKLLPGDLVSVTRTKEDSGVACDMILVEGTAIVNEAMLSGESTPLL
KDSIQLRPGDAVLEVDGLDKNSLLWGGTKVLQITHGTAEEERPKPASGIPPPPDNGAMAVVTKTGFETSQGSLVRTMIYS
TERVSANNTEALLFILFLLVFALAASWYVWDEGVRKDRKRSKLLLDCILIITSVVPPELPMELSLAVNTSLSALAKFAIF
CTEPFRIPFAGRIDVACFDKTGTLTGEDLVVEGIAGLGLGHSGTDTPKEADGAHTRMVSVHDAGMETTLVLATAHALVKL
DEGEIVGDPMEKATLNALGWVLGKNDTLTSKPGNAASSGILGTVQIKRRFQFSSALKRQSSVATITATEVKTGRKLRGSF
VGVKGAPETIMKMLVTVPEHYEETYKYFTRRGSRVLALAYKQLTTEGELGANKINDLKRESVEADLHFAGFLVLQCPLKE
DAKQAVRMLNESSHRVVMITGDNPLTAVHVAKEVEIVDRDVLILDAPEHSVYGEESLVWRSVDDKIRIDVDPTKPIDPEI
LKTKDLCVTGYALNKFKGQVGWKSLLRYTWVYARVSPKQKEDILLGLKDMGYYTLMAGDGTNDVGALKQAHVGVALLNGT
QEDLNRIAEHTRNQKMKELYQKQVDLMARWGQPPPPVPAMIAHLYPPGPSNPHYQKAMEREAQKRGVTVEQLAKVNGTNV
TSNPAGVQQQSGQDAKKAKQVEAAKKAANFADKLTSSLMEAEMDDEPPTLKLGDASVAAPFTSKLRNVMAIPNILRQGRC
TLVATIQMYKILALNCLISAYSLSVLYLEGIKFGDGQITISGMLMSVCFLSISRARSVEGLSKERPQPNIFNFYIIGSIL
GQFAVHVATLIYIAQLCDQIEPRTEVIDLEAEFKPSLLNSAVYLLQLIQQISTFAVNYQGRPFRESLSENKGMFYGIVGV
TAIAFACSTEMLPELNEAMKLVPFNENFKTIMTTVMIIDFVACYVIEWVLKKLFSDLRARDIAERRPDQLERERVRKEKE
AREKEEEEERKERERIEAFERRLEEKRTRLVEAAAQREQQQQQWAQRR
;
A
#
loop_
_chem_comp.id
_chem_comp.type
_chem_comp.name
_chem_comp.formula
ALF non-polymer 'TETRAFLUOROALUMINATE ION' 'Al F4 -1'
CA non-polymer 'CALCIUM ION' 'Ca 2'
MG non-polymer 'MAGNESIUM ION' 'Mg 2'
#
# COMPACT_ATOMS: atom_id res chain seq x y z
N UNK A 1 -4.52 9.50 20.02
CA UNK A 1 -3.20 8.93 20.26
C UNK A 1 -3.06 8.43 21.70
N UNK A 2 -4.17 8.49 22.44
CA UNK A 2 -4.15 8.02 23.83
C UNK A 2 -4.13 6.50 23.89
N UNK A 3 -4.85 5.84 22.99
CA UNK A 3 -4.87 4.37 22.98
C UNK A 3 -3.51 3.81 22.59
N UNK A 4 -2.83 4.45 21.63
CA UNK A 4 -1.48 4.00 21.26
C UNK A 4 -0.51 4.14 22.41
N UNK A 5 -0.59 5.26 23.15
CA UNK A 5 0.27 5.45 24.31
C UNK A 5 -0.04 4.43 25.40
N UNK A 6 -1.32 4.12 25.62
CA UNK A 6 -1.69 3.13 26.62
C UNK A 6 -1.18 1.74 26.23
N UNK A 7 -1.29 1.39 24.94
CA UNK A 7 -0.79 0.10 24.47
C UNK A 7 0.73 0.02 24.60
N UNK A 8 1.43 1.11 24.27
CA UNK A 8 2.89 1.13 24.41
C UNK A 8 3.30 1.00 25.87
N UNK A 9 2.60 1.68 26.78
CA UNK A 9 2.92 1.57 28.20
C UNK A 9 2.65 0.17 28.72
N UNK A 10 1.55 -0.45 28.28
CA UNK A 10 1.25 -1.82 28.71
C UNK A 10 2.30 -2.80 28.20
N UNK A 11 2.71 -2.65 26.94
CA UNK A 11 3.74 -3.53 26.39
C UNK A 11 5.07 -3.33 27.10
N UNK A 12 5.42 -2.09 27.42
CA UNK A 12 6.66 -1.82 28.15
C UNK A 12 6.63 -2.45 29.54
N UNK A 13 5.50 -2.33 30.24
CA UNK A 13 5.39 -2.93 31.57
C UNK A 13 5.48 -4.45 31.49
N UNK A 14 4.81 -5.06 30.49
CA UNK A 14 4.87 -6.51 30.35
C UNK A 14 6.28 -6.99 30.02
N UNK A 15 6.97 -6.28 29.12
CA UNK A 15 8.33 -6.66 28.76
C UNK A 15 9.27 -6.52 29.95
N UNK A 16 9.15 -5.43 30.71
CA UNK A 16 9.99 -5.25 31.88
C UNK A 16 9.74 -6.33 32.92
N UNK A 17 8.48 -6.66 33.17
CA UNK A 17 8.15 -7.69 34.15
C UNK A 17 8.68 -9.05 33.72
N UNK A 18 8.51 -9.40 32.44
CA UNK A 18 9.00 -10.69 31.95
C UNK A 18 10.51 -10.79 32.01
N UNK A 19 11.22 -9.73 31.58
CA UNK A 19 12.67 -9.75 31.62
C UNK A 19 13.20 -9.83 33.05
N UNK A 20 12.59 -9.06 33.96
CA UNK A 20 13.02 -9.11 35.36
C UNK A 20 12.76 -10.48 35.97
N UNK A 21 11.59 -11.06 35.70
CA UNK A 21 11.26 -12.37 36.26
C UNK A 21 12.21 -13.44 35.74
N UNK A 22 12.51 -13.44 34.44
CA UNK A 22 13.43 -14.42 33.88
C UNK A 22 14.83 -14.25 34.45
N UNK A 23 15.40 -13.04 34.31
CA UNK A 23 16.77 -12.79 34.74
C UNK A 23 16.94 -12.90 36.25
N UNK A 24 15.86 -12.86 37.04
CA UNK A 24 15.99 -13.07 38.47
C UNK A 24 15.83 -14.55 38.83
N UNK A 25 14.71 -15.16 38.44
CA UNK A 25 14.41 -16.51 38.86
C UNK A 25 15.35 -17.55 38.25
N UNK A 26 15.76 -17.38 36.99
CA UNK A 26 16.54 -18.41 36.34
C UNK A 26 17.95 -18.51 36.92
N UNK A 27 18.62 -17.37 37.07
CA UNK A 27 20.04 -17.37 37.43
C UNK A 27 20.34 -17.95 38.81
N UNK A 28 19.97 -17.22 39.89
CA UNK A 28 20.34 -17.67 41.23
C UNK A 28 19.29 -17.32 42.28
N UNK A 29 18.02 -17.22 41.92
CA UNK A 29 17.03 -16.83 42.93
C UNK A 29 16.72 -18.00 43.86
N UNK A 30 16.18 -19.09 43.32
CA UNK A 30 15.83 -20.25 44.13
C UNK A 30 16.28 -21.56 43.48
N UNK A 31 16.25 -21.64 42.16
CA UNK A 31 16.60 -22.88 41.45
C UNK A 31 18.11 -23.05 41.32
N PRO B 3 -10.95 -30.44 -14.31
CA PRO B 3 -11.05 -29.53 -13.16
C PRO B 3 -12.49 -29.21 -12.78
N LEU B 4 -12.72 -28.94 -11.49
CA LEU B 4 -14.06 -28.63 -11.03
C LEU B 4 -14.47 -27.20 -11.39
N VAL B 5 -13.61 -26.23 -11.06
CA VAL B 5 -13.91 -24.82 -11.30
C VAL B 5 -13.18 -24.37 -12.56
N ASP B 6 -13.92 -23.69 -13.44
CA ASP B 6 -13.38 -23.19 -14.71
C ASP B 6 -13.00 -21.73 -14.63
N ASN B 7 -12.48 -21.30 -13.48
CA ASN B 7 -12.08 -19.92 -13.25
C ASN B 7 -10.57 -19.86 -13.04
N PRO B 8 -9.86 -18.97 -13.75
CA PRO B 8 -8.41 -18.84 -13.50
C PRO B 8 -8.05 -18.41 -12.10
N GLN B 9 -8.98 -17.78 -11.37
CA GLN B 9 -8.73 -17.42 -9.98
C GLN B 9 -8.55 -18.65 -9.10
N ILE B 10 -9.35 -19.69 -9.31
CA ILE B 10 -9.35 -20.90 -8.49
C ILE B 10 -8.35 -21.89 -9.09
N LYS B 11 -7.45 -22.41 -8.25
CA LYS B 11 -6.47 -23.39 -8.70
C LYS B 11 -7.03 -24.81 -8.64
N SER B 12 -7.50 -25.22 -7.46
CA SER B 12 -8.02 -26.57 -7.27
C SER B 12 -9.25 -26.51 -6.38
N ALA B 13 -10.03 -27.60 -6.42
CA ALA B 13 -11.24 -27.69 -5.61
C ALA B 13 -11.47 -29.15 -5.23
N GLU B 14 -12.27 -29.35 -4.19
CA GLU B 14 -12.56 -30.69 -3.68
C GLU B 14 -13.90 -30.66 -2.96
N LEU B 15 -14.73 -31.66 -3.23
CA LEU B 15 -16.04 -31.77 -2.59
C LEU B 15 -15.92 -32.50 -1.27
N LEU B 16 -16.62 -32.00 -0.26
CA LEU B 16 -16.57 -32.55 1.09
C LEU B 16 -17.97 -32.74 1.64
N ARG B 17 -18.04 -33.55 2.70
CA ARG B 17 -19.26 -33.78 3.43
C ARG B 17 -18.92 -33.66 4.92
N PRO B 18 -19.69 -32.91 5.70
CA PRO B 18 -19.34 -32.69 7.10
C PRO B 18 -19.56 -33.94 7.93
N LEU B 19 -18.82 -34.01 9.04
CA LEU B 19 -18.89 -35.08 10.00
C LEU B 19 -19.57 -34.62 11.28
N PRO B 20 -20.25 -35.51 12.01
CA PRO B 20 -20.89 -35.11 13.26
C PRO B 20 -19.85 -34.76 14.32
N LEU B 21 -20.35 -34.17 15.41
CA LEU B 21 -19.47 -33.68 16.47
C LEU B 21 -18.71 -34.81 17.15
N TYR B 22 -19.32 -35.99 17.28
CA TYR B 22 -18.66 -37.09 17.97
C TYR B 22 -17.66 -37.83 17.09
N GLN B 23 -17.57 -37.48 15.80
CA GLN B 23 -16.63 -38.12 14.89
C GLN B 23 -15.47 -37.21 14.49
N HIS B 24 -15.30 -36.08 15.18
CA HIS B 24 -14.20 -35.18 14.86
C HIS B 24 -12.87 -35.79 15.26
N ALA B 25 -11.79 -35.17 14.78
CA ALA B 25 -10.44 -35.65 15.04
C ALA B 25 -9.87 -35.16 16.36
N TYR B 26 -10.60 -34.33 17.11
CA TYR B 26 -10.13 -33.84 18.39
C TYR B 26 -11.11 -34.15 19.52
N VAL B 27 -12.02 -35.11 19.31
CA VAL B 27 -12.99 -35.48 20.34
C VAL B 27 -12.90 -36.99 20.58
N TRP B 28 -13.01 -37.76 19.50
CA TRP B 28 -13.01 -39.22 19.62
C TRP B 28 -11.74 -39.80 20.22
N PRO B 29 -10.52 -39.42 19.80
CA PRO B 29 -9.33 -39.94 20.51
C PRO B 29 -9.28 -39.52 21.97
N TYR B 30 -9.78 -38.33 22.31
CA TYR B 30 -9.86 -37.91 23.70
C TYR B 30 -10.81 -38.82 24.48
N VAL B 31 -11.94 -39.17 23.87
CA VAL B 31 -12.91 -40.05 24.52
C VAL B 31 -12.31 -41.44 24.74
N ILE B 32 -11.46 -41.88 23.82
CA ILE B 32 -10.77 -43.16 24.01
C ILE B 32 -9.73 -43.06 25.13
N VAL B 33 -8.95 -41.98 25.13
CA VAL B 33 -7.76 -41.93 25.99
C VAL B 33 -8.12 -41.60 27.45
N TRP B 34 -8.93 -40.56 27.67
CA TRP B 34 -9.17 -40.00 29.01
C TRP B 34 -9.66 -40.98 30.08
N PRO B 35 -10.65 -41.85 29.83
CA PRO B 35 -11.05 -42.80 30.89
C PRO B 35 -9.98 -43.78 31.30
N VAL B 36 -9.07 -44.14 30.40
CA VAL B 36 -7.98 -45.05 30.76
C VAL B 36 -7.07 -44.40 31.80
N PHE B 37 -6.66 -43.16 31.53
CA PHE B 37 -5.82 -42.44 32.48
C PHE B 37 -6.57 -42.17 33.79
N LEU B 38 -7.87 -41.88 33.69
CA LEU B 38 -8.67 -41.68 34.90
C LEU B 38 -8.71 -42.95 35.75
N ARG B 39 -8.90 -44.10 35.12
CA ARG B 39 -8.91 -45.37 35.85
C ARG B 39 -7.56 -45.65 36.50
N VAL B 40 -6.47 -45.39 35.76
CA VAL B 40 -5.13 -45.60 36.30
C VAL B 40 -4.89 -44.71 37.52
N TYR B 41 -5.24 -43.43 37.41
CA TYR B 41 -5.00 -42.49 38.50
C TYR B 41 -5.92 -42.75 39.68
N LEU B 42 -7.11 -43.31 39.44
CA LEU B 42 -8.09 -43.43 40.51
C LEU B 42 -7.97 -44.77 41.23
N THR B 43 -8.14 -45.88 40.51
CA THR B 43 -8.30 -47.15 41.22
C THR B 43 -7.39 -48.28 40.75
N GLN B 44 -6.41 -48.05 39.88
CA GLN B 44 -5.52 -49.14 39.48
C GLN B 44 -4.61 -49.56 40.63
N GLU B 45 -4.17 -48.58 41.43
CA GLU B 45 -3.22 -48.74 42.53
C GLU B 45 -1.86 -49.28 42.09
N LEU B 46 -1.55 -49.19 40.80
CA LEU B 46 -0.24 -49.53 40.27
C LEU B 46 0.32 -48.28 39.60
N TYR B 47 1.53 -47.89 39.98
CA TYR B 47 2.12 -46.64 39.50
C TYR B 47 2.83 -46.83 38.16
N ASP B 48 2.04 -47.27 37.17
CA ASP B 48 2.53 -47.26 35.78
C ASP B 48 2.76 -45.83 35.32
N LYS B 49 1.86 -44.93 35.70
CA LYS B 49 2.02 -43.50 35.46
C LYS B 49 2.09 -42.71 36.77
N TYR B 50 2.64 -43.30 37.82
CA TYR B 50 2.88 -42.64 39.10
C TYR B 50 1.59 -42.11 39.73
N ILE B 51 0.75 -43.04 40.21
CA ILE B 51 -0.55 -42.72 40.81
C ILE B 51 -0.42 -41.69 41.92
N GLY B 52 0.70 -41.67 42.64
CA GLY B 52 0.83 -40.80 43.79
C GLY B 52 1.74 -39.61 43.61
N ALA B 53 2.66 -39.68 42.64
CA ALA B 53 3.59 -38.57 42.42
C ALA B 53 2.85 -37.37 41.84
N GLN B 54 2.98 -36.22 42.49
CA GLN B 54 2.27 -35.03 42.04
C GLN B 54 2.89 -34.46 40.76
N GLU B 55 4.21 -34.57 40.63
CA GLU B 55 4.87 -34.00 39.45
C GLU B 55 4.55 -34.79 38.18
N TRP B 56 4.52 -36.12 38.28
CA TRP B 56 4.29 -36.92 37.08
C TRP B 56 2.84 -36.82 36.60
N THR B 57 1.88 -36.82 37.52
CA THR B 57 0.48 -36.71 37.14
C THR B 57 0.20 -35.35 36.50
N PHE B 58 0.79 -34.29 37.05
CA PHE B 58 0.65 -32.96 36.46
C PHE B 58 1.21 -32.92 35.05
N VAL B 59 2.33 -33.61 34.83
CA VAL B 59 2.94 -33.67 33.50
C VAL B 59 1.99 -34.34 32.51
N TRP B 60 1.38 -35.46 32.92
CA TRP B 60 0.43 -36.15 32.05
C TRP B 60 -0.78 -35.28 31.73
N ILE B 61 -1.33 -34.60 32.75
CA ILE B 61 -2.51 -33.77 32.54
C ILE B 61 -2.19 -32.62 31.59
N ILE B 62 -1.08 -31.93 31.82
CA ILE B 62 -0.70 -30.82 30.95
C ILE B 62 -0.41 -31.29 29.54
N SER B 63 0.24 -32.46 29.41
CA SER B 63 0.57 -32.99 28.09
C SER B 63 -0.69 -33.33 27.29
N ILE B 64 -1.66 -34.01 27.93
CA ILE B 64 -2.85 -34.41 27.19
C ILE B 64 -3.72 -33.19 26.86
N VAL B 65 -3.79 -32.22 27.78
CA VAL B 65 -4.57 -31.01 27.50
C VAL B 65 -3.93 -30.20 26.38
N THR B 66 -2.60 -30.09 26.39
CA THR B 66 -1.90 -29.38 25.32
C THR B 66 -2.09 -30.08 23.98
N PHE B 67 -2.03 -31.41 23.97
CA PHE B 67 -2.22 -32.16 22.73
C PHE B 67 -3.63 -31.96 22.18
N GLN B 68 -4.65 -32.01 23.04
CA GLN B 68 -6.02 -31.80 22.57
C GLN B 68 -6.23 -30.36 22.08
N THR B 69 -5.66 -29.37 22.78
CA THR B 69 -5.80 -27.99 22.35
C THR B 69 -5.10 -27.75 21.02
N LEU B 70 -3.92 -28.34 20.82
CA LEU B 70 -3.23 -28.21 19.55
C LEU B 70 -3.98 -28.90 18.43
N THR B 71 -4.58 -30.06 18.71
CA THR B 71 -5.37 -30.75 17.69
C THR B 71 -6.60 -29.94 17.30
N TRP B 72 -7.20 -29.24 18.27
CA TRP B 72 -8.32 -28.36 17.93
C TRP B 72 -7.86 -27.14 17.15
N LEU B 73 -6.74 -26.53 17.56
CA LEU B 73 -6.27 -25.31 16.93
C LEU B 73 -5.70 -25.54 15.54
N CYS B 74 -5.28 -26.76 15.22
CA CYS B 74 -4.73 -27.03 13.89
C CYS B 74 -5.78 -26.90 12.79
N THR B 75 -7.07 -26.94 13.13
CA THR B 75 -8.12 -26.73 12.15
C THR B 75 -8.36 -25.26 11.85
N HIS B 76 -7.74 -24.35 12.60
CA HIS B 76 -7.89 -22.92 12.36
C HIS B 76 -6.72 -22.32 11.58
N TRP B 77 -5.55 -22.94 11.64
CA TRP B 77 -4.37 -22.43 10.95
C TRP B 77 -4.24 -22.92 9.52
N SER B 78 -5.08 -23.87 9.09
CA SER B 78 -4.99 -24.40 7.74
C SER B 78 -6.36 -24.86 7.29
N VAL B 79 -6.53 -24.95 5.97
CA VAL B 79 -7.75 -25.49 5.39
C VAL B 79 -7.58 -26.94 4.94
N ASN B 80 -6.34 -27.41 4.75
CA ASN B 80 -6.13 -28.82 4.47
C ASN B 80 -6.40 -29.67 5.70
N LEU B 81 -5.91 -29.23 6.86
CA LEU B 81 -6.17 -29.94 8.10
C LEU B 81 -7.64 -29.85 8.49
N ASN B 82 -8.30 -28.73 8.15
CA ASN B 82 -9.74 -28.63 8.39
C ASN B 82 -10.50 -29.62 7.52
N ALA B 83 -10.06 -29.82 6.28
CA ALA B 83 -10.67 -30.80 5.40
C ALA B 83 -10.29 -32.22 5.74
N LEU B 84 -9.23 -32.42 6.52
CA LEU B 84 -8.81 -33.76 6.93
C LEU B 84 -9.31 -34.14 8.32
N PHE B 85 -9.76 -33.20 9.12
CA PHE B 85 -10.21 -33.46 10.49
C PHE B 85 -11.71 -33.40 10.66
N THR B 86 -12.39 -32.42 10.05
CA THR B 86 -13.80 -32.19 10.28
C THR B 86 -14.66 -32.48 9.05
N ALA B 87 -14.15 -33.23 8.08
CA ALA B 87 -14.92 -33.52 6.88
C ALA B 87 -14.40 -34.81 6.25
N LYS B 88 -15.19 -35.35 5.34
CA LYS B 88 -14.81 -36.53 4.58
C LYS B 88 -15.06 -36.29 3.11
N LYS B 89 -14.27 -36.93 2.26
CA LYS B 89 -14.39 -36.72 0.82
C LYS B 89 -15.70 -37.32 0.31
N ALA B 90 -16.51 -36.50 -0.35
CA ALA B 90 -17.78 -36.95 -0.87
C ALA B 90 -17.59 -37.76 -2.15
N SER B 91 -18.53 -38.66 -2.41
CA SER B 91 -18.45 -39.50 -3.60
C SER B 91 -18.68 -38.71 -4.87
N SER B 92 -19.73 -37.88 -4.89
CA SER B 92 -20.08 -37.09 -6.06
C SER B 92 -20.90 -35.89 -5.60
N ILE B 93 -21.51 -35.18 -6.56
CA ILE B 93 -22.31 -34.01 -6.27
C ILE B 93 -23.66 -34.37 -5.63
N GLU B 94 -24.04 -35.65 -5.64
CA GLU B 94 -25.34 -36.05 -5.11
C GLU B 94 -25.42 -35.87 -3.61
N ASP B 95 -24.34 -36.17 -2.88
CA ASP B 95 -24.33 -36.09 -1.43
C ASP B 95 -23.39 -35.03 -0.88
N ALA B 96 -22.66 -34.32 -1.74
CA ALA B 96 -21.74 -33.31 -1.27
C ALA B 96 -22.48 -32.10 -0.71
N GLN B 97 -21.91 -31.49 0.32
CA GLN B 97 -22.51 -30.33 0.96
C GLN B 97 -21.55 -29.17 1.20
N LEU B 98 -20.24 -29.41 1.26
CA LEU B 98 -19.25 -28.37 1.45
C LEU B 98 -18.17 -28.54 0.40
N ILE B 99 -17.61 -27.41 -0.08
CA ILE B 99 -16.57 -27.45 -1.10
C ILE B 99 -15.39 -26.60 -0.64
N LYS B 100 -14.19 -27.14 -0.77
CA LYS B 100 -12.97 -26.45 -0.37
C LYS B 100 -12.33 -25.85 -1.62
N VAL B 101 -12.11 -24.53 -1.62
CA VAL B 101 -11.56 -23.82 -2.75
C VAL B 101 -10.25 -23.16 -2.35
N ILE B 102 -9.25 -23.29 -3.20
CA ILE B 102 -7.93 -22.69 -3.01
C ILE B 102 -7.64 -21.80 -4.21
N PRO B 103 -7.34 -20.52 -4.01
CA PRO B 103 -7.07 -19.65 -5.15
C PRO B 103 -5.61 -19.62 -5.56
N VAL B 104 -5.29 -18.78 -6.54
CA VAL B 104 -3.89 -18.56 -6.92
C VAL B 104 -3.15 -17.93 -5.74
N ALA B 105 -1.88 -18.33 -5.58
CA ALA B 105 -1.10 -17.98 -4.39
C ALA B 105 -0.98 -16.48 -4.18
N ASN B 106 -1.11 -15.68 -5.23
CA ASN B 106 -0.99 -14.23 -5.12
C ASN B 106 -2.33 -13.51 -5.32
N ALA B 107 -3.45 -14.21 -5.11
CA ALA B 107 -4.75 -13.60 -5.37
C ALA B 107 -5.78 -13.96 -4.30
N GLY B 108 -5.41 -13.92 -3.03
CA GLY B 108 -6.39 -14.14 -1.98
C GLY B 108 -6.00 -15.19 -0.95
N ALA B 109 -7.00 -15.78 -0.31
CA ALA B 109 -6.79 -16.80 0.71
C ALA B 109 -7.72 -17.98 0.46
N ALA B 110 -7.28 -19.16 0.92
CA ALA B 110 -8.06 -20.37 0.74
C ALA B 110 -9.28 -20.35 1.67
N ASP B 111 -10.30 -21.12 1.30
CA ASP B 111 -11.53 -21.13 2.08
C ASP B 111 -12.27 -22.43 1.84
N ILE B 112 -13.30 -22.64 2.65
CA ILE B 112 -14.19 -23.79 2.53
C ILE B 112 -15.62 -23.27 2.66
N CYS B 113 -16.38 -23.34 1.58
CA CYS B 113 -17.71 -22.74 1.50
C CYS B 113 -18.79 -23.82 1.52
N LYS B 114 -20.02 -23.36 1.73
CA LYS B 114 -21.18 -24.23 1.87
C LYS B 114 -22.05 -24.14 0.63
N LEU B 115 -22.41 -25.31 0.09
CA LEU B 115 -23.28 -25.37 -1.08
C LEU B 115 -24.71 -25.06 -0.69
N VAL B 116 -25.42 -24.35 -1.57
CA VAL B 116 -26.82 -24.06 -1.39
C VAL B 116 -27.59 -24.52 -2.62
N ARG B 117 -28.71 -25.20 -2.38
CA ARG B 117 -29.57 -25.72 -3.44
C ARG B 117 -30.90 -24.99 -3.42
N ASP B 118 -31.28 -24.43 -4.56
CA ASP B 118 -32.53 -23.71 -4.70
C ASP B 118 -33.44 -24.44 -5.69
N LYS B 119 -34.74 -24.30 -5.49
CA LYS B 119 -35.73 -24.97 -6.33
C LYS B 119 -36.46 -23.92 -7.17
N VAL B 120 -36.33 -24.03 -8.50
CA VAL B 120 -37.02 -23.15 -9.42
C VAL B 120 -38.45 -23.64 -9.61
N GLY B 121 -39.28 -22.83 -10.26
CA GLY B 121 -40.67 -23.20 -10.49
C GLY B 121 -40.84 -24.37 -11.44
N ASP B 122 -39.81 -24.71 -12.21
CA ASP B 122 -39.86 -25.83 -13.14
C ASP B 122 -39.37 -27.14 -12.51
N ASN B 123 -39.51 -27.27 -11.19
CA ASN B 123 -39.12 -28.45 -10.39
C ASN B 123 -37.70 -28.94 -10.71
N LYS B 124 -36.78 -28.00 -10.92
CA LYS B 124 -35.37 -28.30 -11.08
C LYS B 124 -34.59 -27.74 -9.92
N THR B 125 -33.33 -28.17 -9.80
CA THR B 125 -32.46 -27.78 -8.69
C THR B 125 -31.27 -26.99 -9.23
N ASN B 126 -31.00 -25.86 -8.61
CA ASN B 126 -29.85 -25.02 -8.93
C ASN B 126 -28.88 -25.08 -7.75
N ILE B 127 -27.65 -25.50 -8.02
CA ILE B 127 -26.62 -25.67 -7.00
C ILE B 127 -25.63 -24.52 -7.15
N SER B 128 -25.36 -23.81 -6.05
CA SER B 128 -24.48 -22.67 -6.12
C SER B 128 -23.70 -22.55 -4.83
N PHE B 129 -22.66 -21.71 -4.85
CA PHE B 129 -21.95 -21.34 -3.64
C PHE B 129 -21.26 -20.00 -3.84
N LEU B 130 -21.06 -19.29 -2.72
CA LEU B 130 -20.49 -17.95 -2.73
C LEU B 130 -19.05 -18.02 -2.25
N PHE B 131 -18.12 -17.53 -3.07
CA PHE B 131 -16.72 -17.43 -2.71
C PHE B 131 -16.27 -16.01 -2.94
N GLN B 132 -15.76 -15.36 -1.89
CA GLN B 132 -15.31 -13.97 -1.93
C GLN B 132 -16.41 -13.05 -2.47
N LYS B 133 -17.63 -13.28 -1.99
CA LYS B 133 -18.83 -12.54 -2.40
C LYS B 133 -19.08 -12.65 -3.91
N ARG B 134 -18.69 -13.77 -4.50
CA ARG B 134 -18.89 -14.03 -5.92
C ARG B 134 -19.65 -15.33 -6.08
N ARG B 135 -20.68 -15.31 -6.92
CA ARG B 135 -21.53 -16.47 -7.12
C ARG B 135 -20.88 -17.48 -8.06
N PHE B 136 -21.05 -18.76 -7.74
CA PHE B 136 -20.60 -19.84 -8.60
C PHE B 136 -21.73 -20.85 -8.75
N LEU B 137 -22.03 -21.22 -9.99
CA LEU B 137 -23.14 -22.09 -10.32
C LEU B 137 -22.61 -23.42 -10.86
N TRP B 138 -23.37 -24.48 -10.61
CA TRP B 138 -23.00 -25.83 -11.06
C TRP B 138 -23.65 -26.08 -12.42
N TYR B 139 -22.81 -26.24 -13.46
CA TYR B 139 -23.30 -26.52 -14.80
C TYR B 139 -23.19 -28.01 -15.07
N PRO B 140 -24.32 -28.71 -15.27
CA PRO B 140 -24.24 -30.15 -15.52
C PRO B 140 -23.95 -30.53 -16.95
N GLU B 141 -24.08 -29.60 -17.90
CA GLU B 141 -23.78 -29.92 -19.30
C GLU B 141 -22.31 -30.28 -19.48
N ARG B 142 -21.41 -29.50 -18.88
CA ARG B 142 -20.00 -29.82 -18.87
C ARG B 142 -19.53 -30.37 -17.53
N LYS B 143 -20.44 -30.48 -16.55
CA LYS B 143 -20.16 -31.02 -15.22
C LYS B 143 -19.01 -30.26 -14.54
N ALA B 144 -19.24 -28.96 -14.32
CA ALA B 144 -18.21 -28.12 -13.73
C ALA B 144 -18.88 -26.97 -12.98
N PHE B 145 -18.07 -26.02 -12.53
CA PHE B 145 -18.56 -24.84 -11.82
C PHE B 145 -18.14 -23.60 -12.61
N SER B 146 -19.09 -22.72 -12.87
CA SER B 146 -18.82 -21.52 -13.66
C SER B 146 -19.29 -20.29 -12.89
N THR B 147 -18.80 -19.13 -13.31
CA THR B 147 -19.14 -17.87 -12.65
C THR B 147 -20.63 -17.54 -12.79
N LEU B 148 -21.05 -17.24 -14.01
CA LEU B 148 -22.42 -16.90 -14.40
C LEU B 148 -22.42 -16.68 -15.91
N GLU B 149 -23.61 -16.71 -16.50
CA GLU B 149 -23.78 -16.50 -17.93
C GLU B 149 -24.74 -15.33 -18.14
N PHE B 150 -24.21 -14.19 -18.57
CA PHE B 150 -25.00 -13.02 -18.87
C PHE B 150 -25.32 -12.97 -20.36
N ASP B 151 -26.26 -12.08 -20.72
CA ASP B 151 -26.68 -11.99 -22.12
C ASP B 151 -25.64 -11.30 -22.98
N ILE B 152 -24.83 -10.40 -22.41
CA ILE B 152 -23.86 -9.65 -23.19
C ILE B 152 -22.72 -10.57 -23.64
N ASP B 153 -22.28 -11.48 -22.78
CA ASP B 153 -21.16 -12.36 -23.07
C ASP B 153 -21.69 -13.76 -23.38
N ALA B 154 -21.42 -14.24 -24.59
CA ALA B 154 -21.84 -15.58 -25.00
C ALA B 154 -20.94 -16.03 -26.14
N GLU B 155 -20.97 -17.33 -26.41
CA GLU B 155 -20.19 -17.87 -27.53
C GLU B 155 -20.63 -17.29 -28.88
N PRO B 156 -21.93 -17.21 -29.22
CA PRO B 156 -22.30 -16.43 -30.41
C PRO B 156 -22.56 -14.99 -30.03
N LYS B 157 -21.97 -14.04 -30.76
CA LYS B 157 -22.16 -12.63 -30.45
C LYS B 157 -23.61 -12.23 -30.76
N PRO B 158 -24.30 -11.60 -29.82
CA PRO B 158 -25.71 -11.26 -30.05
C PRO B 158 -25.88 -10.22 -31.15
N THR B 159 -26.98 -10.34 -31.87
CA THR B 159 -27.33 -9.36 -32.89
C THR B 159 -27.81 -8.07 -32.24
N LEU B 160 -27.56 -6.95 -32.92
CA LEU B 160 -27.99 -5.66 -32.39
C LEU B 160 -29.50 -5.52 -32.34
N SER B 161 -30.24 -6.34 -33.09
CA SER B 161 -31.70 -6.33 -33.01
C SER B 161 -32.20 -6.84 -31.67
N LYS B 162 -31.37 -7.60 -30.94
CA LYS B 162 -31.77 -8.06 -29.61
C LYS B 162 -31.89 -6.91 -28.64
N PHE B 163 -31.02 -5.90 -28.76
CA PHE B 163 -31.07 -4.74 -27.87
C PHE B 163 -31.89 -3.59 -28.45
N GLN B 164 -31.90 -3.42 -29.78
CA GLN B 164 -32.64 -2.33 -30.39
C GLN B 164 -34.14 -2.51 -30.21
N LEU B 165 -34.64 -3.73 -30.40
CA LEU B 165 -36.05 -4.04 -30.27
C LEU B 165 -36.42 -4.60 -28.91
N SER B 166 -35.53 -4.51 -27.93
CA SER B 166 -35.78 -5.06 -26.61
C SER B 166 -36.88 -4.27 -25.90
N ARG B 167 -37.63 -4.97 -25.07
CA ARG B 167 -38.68 -4.38 -24.24
C ARG B 167 -38.41 -4.76 -22.80
N GLY B 168 -39.27 -4.27 -21.91
CA GLY B 168 -39.14 -4.61 -20.51
C GLY B 168 -39.47 -6.07 -20.25
N ILE B 169 -39.03 -6.56 -19.09
CA ILE B 169 -39.30 -7.94 -18.72
C ILE B 169 -40.77 -8.08 -18.36
N GLU B 170 -41.50 -8.86 -19.16
CA GLU B 170 -42.93 -9.05 -18.95
C GLU B 170 -43.18 -10.30 -18.12
N SER B 171 -44.39 -10.36 -17.54
CA SER B 171 -44.90 -11.44 -16.71
C SER B 171 -44.18 -11.53 -15.37
N GLU B 172 -44.91 -11.91 -14.31
CA GLU B 172 -44.31 -12.00 -13.00
C GLU B 172 -43.39 -13.20 -12.87
N ASP B 173 -43.62 -14.25 -13.68
CA ASP B 173 -42.78 -15.44 -13.61
C ASP B 173 -41.35 -15.14 -14.06
N GLU B 174 -41.19 -14.39 -15.16
CA GLU B 174 -39.86 -14.04 -15.63
C GLU B 174 -39.15 -13.14 -14.62
N LEU B 175 -39.87 -12.19 -14.03
CA LEU B 175 -39.30 -11.31 -13.02
C LEU B 175 -38.83 -12.09 -11.80
N LYS B 176 -39.65 -13.03 -11.33
CA LYS B 176 -39.28 -13.85 -10.17
C LYS B 176 -38.09 -14.75 -10.49
N ARG B 177 -38.06 -15.32 -11.70
CA ARG B 177 -36.94 -16.17 -12.09
C ARG B 177 -35.65 -15.38 -12.15
N LEU B 178 -35.69 -14.19 -12.74
CA LEU B 178 -34.50 -13.35 -12.80
C LEU B 178 -34.06 -12.90 -11.41
N GLU B 179 -35.01 -12.58 -10.54
CA GLU B 179 -34.66 -12.16 -9.18
C GLU B 179 -34.02 -13.30 -8.39
N GLN B 180 -34.53 -14.52 -8.54
CA GLN B 180 -33.97 -15.64 -7.79
C GLN B 180 -32.75 -16.26 -8.48
N HIS B 181 -32.45 -15.88 -9.72
CA HIS B 181 -31.28 -16.40 -10.42
C HIS B 181 -30.09 -15.46 -10.39
N TYR B 182 -30.32 -14.15 -10.48
CA TYR B 182 -29.22 -13.19 -10.51
C TYR B 182 -29.03 -12.46 -9.18
N GLY B 183 -30.00 -12.48 -8.29
CA GLY B 183 -29.89 -11.79 -7.02
C GLY B 183 -30.21 -10.31 -7.14
N THR B 184 -29.98 -9.61 -6.04
CA THR B 184 -30.25 -8.18 -5.94
C THR B 184 -29.00 -7.37 -6.26
N ASN B 185 -29.22 -6.13 -6.67
CA ASN B 185 -28.14 -5.22 -7.06
C ASN B 185 -27.69 -4.43 -5.84
N THR B 186 -26.76 -5.01 -5.07
CA THR B 186 -26.26 -4.36 -3.88
C THR B 186 -24.90 -4.93 -3.52
N PHE B 187 -24.18 -4.21 -2.66
CA PHE B 187 -22.88 -4.63 -2.16
C PHE B 187 -23.03 -4.93 -0.67
N ASP B 188 -22.80 -6.20 -0.29
CA ASP B 188 -23.02 -6.65 1.08
C ASP B 188 -21.67 -6.74 1.80
N ILE B 189 -21.24 -5.61 2.34
CA ILE B 189 -20.00 -5.57 3.13
C ILE B 189 -20.30 -6.13 4.52
N PRO B 190 -19.56 -7.14 4.98
CA PRO B 190 -19.92 -7.79 6.24
C PRO B 190 -19.72 -6.94 7.48
N VAL B 191 -18.74 -6.03 7.49
CA VAL B 191 -18.33 -5.15 8.59
C VAL B 191 -18.32 -5.92 9.91
N PRO B 192 -17.30 -6.75 10.14
CA PRO B 192 -17.30 -7.61 11.34
C PRO B 192 -17.21 -6.82 12.64
N THR B 193 -17.72 -7.45 13.70
CA THR B 193 -17.82 -6.82 15.01
C THR B 193 -16.56 -7.12 15.83
N PHE B 194 -16.61 -6.83 17.13
CA PHE B 194 -15.46 -6.99 18.00
C PHE B 194 -15.16 -8.47 18.26
N THR B 195 -16.20 -9.30 18.37
CA THR B 195 -16.02 -10.71 18.72
C THR B 195 -15.23 -11.45 17.65
N GLU B 196 -15.55 -11.21 16.37
CA GLU B 196 -14.82 -11.88 15.29
C GLU B 196 -13.35 -11.45 15.26
N LEU B 197 -13.10 -10.16 15.48
CA LEU B 197 -11.72 -9.68 15.50
C LEU B 197 -10.93 -10.29 16.65
N PHE B 198 -11.54 -10.39 17.83
CA PHE B 198 -10.84 -10.98 18.97
C PHE B 198 -10.62 -12.48 18.75
N LYS B 199 -11.58 -13.16 18.12
CA LYS B 199 -11.40 -14.57 17.82
C LYS B 199 -10.26 -14.77 16.82
N GLU B 200 -10.16 -13.88 15.82
CA GLU B 200 -9.05 -13.97 14.88
C GLU B 200 -7.72 -13.68 15.54
N HIS B 201 -7.69 -12.72 16.47
CA HIS B 201 -6.43 -12.34 17.10
C HIS B 201 -5.95 -13.36 18.13
N ALA B 202 -6.87 -14.03 18.83
CA ALA B 202 -6.49 -14.95 19.89
C ALA B 202 -6.05 -16.31 19.37
N VAL B 203 -6.18 -16.58 18.08
CA VAL B 203 -5.80 -17.87 17.51
C VAL B 203 -4.37 -17.84 16.97
N ALA B 204 -3.81 -16.65 16.76
CA ALA B 204 -2.48 -16.50 16.18
C ALA B 204 -1.43 -17.23 17.03
N PRO B 205 -0.42 -17.84 16.39
CA PRO B 205 0.52 -18.70 17.12
C PRO B 205 1.32 -18.01 18.21
N PHE B 206 1.66 -16.73 18.05
CA PHE B 206 2.47 -16.06 19.06
C PHE B 206 1.70 -15.88 20.37
N PHE B 207 0.40 -15.54 20.27
CA PHE B 207 -0.41 -15.40 21.47
C PHE B 207 -0.54 -16.73 22.21
N VAL B 208 -0.72 -17.82 21.46
CA VAL B 208 -0.82 -19.14 22.06
C VAL B 208 0.51 -19.52 22.72
N PHE B 209 1.62 -19.18 22.08
CA PHE B 209 2.94 -19.47 22.65
C PHE B 209 3.16 -18.72 23.95
N GLN B 210 2.80 -17.43 23.98
CA GLN B 210 2.94 -16.65 25.20
C GLN B 210 2.05 -17.18 26.31
N VAL B 211 0.81 -17.54 25.99
CA VAL B 211 -0.11 -18.07 26.98
C VAL B 211 0.41 -19.39 27.53
N PHE B 212 0.96 -20.25 26.66
CA PHE B 212 1.51 -21.52 27.11
C PHE B 212 2.71 -21.33 28.03
N CYS B 213 3.60 -20.38 27.70
CA CYS B 213 4.75 -20.12 28.56
C CYS B 213 4.30 -19.59 29.93
N VAL B 214 3.36 -18.65 29.93
CA VAL B 214 2.88 -18.08 31.19
C VAL B 214 2.18 -19.14 32.03
N GLY B 215 1.44 -20.05 31.38
CA GLY B 215 0.85 -21.15 32.10
C GLY B 215 1.88 -22.12 32.66
N LEU B 216 2.99 -22.30 31.94
CA LEU B 216 4.06 -23.15 32.44
C LEU B 216 4.78 -22.49 33.61
N TRP B 217 4.70 -21.17 33.73
CA TRP B 217 5.32 -20.47 34.85
C TRP B 217 4.56 -20.62 36.16
N LEU B 218 3.52 -21.45 36.19
CA LEU B 218 2.69 -21.64 37.37
C LEU B 218 3.09 -22.84 38.21
N LEU B 219 4.28 -23.41 37.99
CA LEU B 219 4.71 -24.57 38.75
C LEU B 219 5.12 -24.20 40.17
N ASP B 220 6.14 -23.36 40.30
CA ASP B 220 6.64 -22.94 41.61
C ASP B 220 6.98 -21.46 41.69
N GLU B 221 6.77 -20.69 40.62
CA GLU B 221 7.10 -19.27 40.65
C GLU B 221 6.07 -18.48 41.45
N TYR B 222 4.91 -19.09 41.73
CA TYR B 222 3.76 -18.56 42.47
C TYR B 222 2.96 -17.63 41.56
N TRP B 223 1.69 -17.37 41.92
CA TRP B 223 0.77 -16.68 41.03
C TRP B 223 1.10 -15.20 40.83
N TYR B 224 2.15 -14.69 41.49
CA TYR B 224 2.43 -13.26 41.45
C TYR B 224 2.87 -12.81 40.06
N TYR B 225 3.81 -13.53 39.46
CA TYR B 225 4.39 -13.07 38.19
C TYR B 225 3.54 -13.48 36.99
N SER B 226 2.93 -14.66 37.05
CA SER B 226 2.19 -15.16 35.89
C SER B 226 0.88 -14.41 35.68
N LEU B 227 0.13 -14.17 36.75
CA LEU B 227 -1.18 -13.53 36.63
C LEU B 227 -1.06 -12.10 36.13
N PHE B 228 -0.08 -11.34 36.64
CA PHE B 228 0.11 -9.98 36.20
C PHE B 228 0.47 -9.92 34.72
N THR B 229 1.38 -10.79 34.29
CA THR B 229 1.78 -10.82 32.88
C THR B 229 0.61 -11.21 31.99
N LEU B 230 -0.20 -12.18 32.43
CA LEU B 230 -1.38 -12.57 31.65
C LEU B 230 -2.38 -11.44 31.54
N VAL B 231 -2.60 -10.70 32.65
CA VAL B 231 -3.53 -9.58 32.63
C VAL B 231 -3.06 -8.49 31.68
N MET B 232 -1.76 -8.16 31.73
CA MET B 232 -1.23 -7.14 30.83
C MET B 232 -1.28 -7.59 29.37
N LEU B 233 -1.05 -8.88 29.12
CA LEU B 233 -1.15 -9.40 27.75
C LEU B 233 -2.58 -9.30 27.23
N VAL B 234 -3.56 -9.66 28.07
CA VAL B 234 -4.96 -9.57 27.65
C VAL B 234 -5.35 -8.13 27.40
N VAL B 235 -4.91 -7.20 28.26
CA VAL B 235 -5.21 -5.79 28.08
C VAL B 235 -4.61 -5.27 26.78
N PHE B 236 -3.35 -5.65 26.49
CA PHE B 236 -2.71 -5.20 25.26
C PHE B 236 -3.41 -5.75 24.03
N GLU B 237 -3.79 -7.04 24.04
CA GLU B 237 -4.50 -7.60 22.89
C GLU B 237 -5.86 -6.93 22.70
N SER B 238 -6.57 -6.66 23.81
CA SER B 238 -7.87 -6.02 23.72
C SER B 238 -7.77 -4.61 23.17
N THR B 239 -6.78 -3.83 23.62
CA THR B 239 -6.66 -2.47 23.11
C THR B 239 -6.15 -2.44 21.67
N VAL B 240 -5.34 -3.43 21.27
CA VAL B 240 -4.93 -3.52 19.86
C VAL B 240 -6.12 -3.82 18.97
N VAL B 241 -6.97 -4.76 19.39
CA VAL B 241 -8.16 -5.09 18.61
C VAL B 241 -9.12 -3.91 18.54
N TRP B 242 -9.29 -3.21 19.67
CA TRP B 242 -10.18 -2.05 19.68
C TRP B 242 -9.67 -0.94 18.78
N GLN B 243 -8.36 -0.67 18.82
CA GLN B 243 -7.79 0.36 17.95
C GLN B 243 -7.93 -0.03 16.48
N ARG B 244 -7.70 -1.30 16.16
CA ARG B 244 -7.86 -1.76 14.79
C ARG B 244 -9.30 -1.59 14.31
N GLN B 245 -10.27 -1.98 15.14
CA GLN B 245 -11.67 -1.83 14.74
C GLN B 245 -12.06 -0.36 14.63
N ARG B 246 -11.55 0.49 15.52
CA ARG B 246 -11.87 1.92 15.45
C ARG B 246 -11.33 2.56 14.19
N THR B 247 -10.07 2.29 13.85
CA THR B 247 -9.51 2.88 12.63
C THR B 247 -10.12 2.26 11.39
N LEU B 248 -10.55 0.99 11.44
CA LEU B 248 -11.23 0.38 10.32
C LEU B 248 -12.59 1.03 10.09
N THR B 249 -13.32 1.32 11.17
CA THR B 249 -14.61 1.99 11.02
C THR B 249 -14.44 3.45 10.61
N GLU B 250 -13.34 4.08 11.02
CA GLU B 250 -13.11 5.47 10.65
C GLU B 250 -12.75 5.61 9.18
N PHE B 251 -11.85 4.75 8.69
CA PHE B 251 -11.37 4.91 7.31
C PHE B 251 -12.18 4.13 6.28
N ARG B 252 -12.82 3.03 6.66
CA ARG B 252 -13.56 2.19 5.72
C ARG B 252 -15.05 2.26 6.07
N SER B 253 -15.83 2.85 5.16
CA SER B 253 -17.28 2.90 5.30
C SER B 253 -17.97 2.11 4.20
N MET B 254 -17.72 2.46 2.93
CA MET B 254 -18.26 1.76 1.76
C MET B 254 -19.79 1.69 1.79
N SER B 255 -20.42 2.86 1.73
CA SER B 255 -21.87 2.98 1.75
C SER B 255 -22.36 3.60 0.45
N ILE B 256 -23.31 2.93 -0.20
CA ILE B 256 -23.92 3.41 -1.43
C ILE B 256 -25.42 3.51 -1.19
N LYS B 257 -25.98 4.71 -1.38
CA LYS B 257 -27.40 4.93 -1.14
C LYS B 257 -28.19 4.81 -2.44
N PRO B 258 -29.19 3.95 -2.50
CA PRO B 258 -30.00 3.83 -3.72
C PRO B 258 -30.85 5.08 -3.96
N TYR B 259 -31.18 5.29 -5.23
CA TYR B 259 -32.00 6.41 -5.64
C TYR B 259 -33.12 5.90 -6.55
N PRO B 260 -34.28 6.55 -6.52
CA PRO B 260 -35.38 6.11 -7.38
C PRO B 260 -35.10 6.34 -8.85
N ILE B 261 -35.63 5.44 -9.68
CA ILE B 261 -35.45 5.50 -11.13
C ILE B 261 -36.74 5.00 -11.77
N TYR B 262 -36.88 5.26 -13.07
CA TYR B 262 -38.07 4.85 -13.81
C TYR B 262 -37.76 3.63 -14.66
N VAL B 263 -38.57 2.60 -14.52
CA VAL B 263 -38.38 1.33 -15.21
C VAL B 263 -39.65 0.99 -15.96
N TYR B 264 -39.52 0.61 -17.23
CA TYR B 264 -40.65 0.21 -18.06
C TYR B 264 -40.92 -1.27 -17.84
N ARG B 265 -41.84 -1.58 -16.94
CA ARG B 265 -42.19 -2.96 -16.61
C ARG B 265 -43.68 -3.18 -16.83
N LEU B 266 -44.02 -4.37 -17.35
CA LEU B 266 -45.40 -4.79 -17.60
C LEU B 266 -46.13 -3.80 -18.52
N GLY B 267 -45.40 -3.12 -19.40
CA GLY B 267 -46.00 -2.17 -20.30
C GLY B 267 -46.25 -0.79 -19.73
N LYS B 268 -45.76 -0.49 -18.53
CA LYS B 268 -45.96 0.82 -17.93
C LYS B 268 -44.69 1.27 -17.22
N TRP B 269 -44.52 2.59 -17.14
CA TRP B 269 -43.37 3.18 -16.47
C TRP B 269 -43.66 3.32 -14.98
N THR B 270 -42.90 2.62 -14.16
CA THR B 270 -43.06 2.66 -12.71
C THR B 270 -41.79 3.20 -12.06
N GLU B 271 -41.91 3.60 -10.80
CA GLU B 271 -40.78 4.11 -10.03
C GLU B 271 -40.26 2.97 -9.14
N ILE B 272 -39.00 2.59 -9.36
CA ILE B 272 -38.38 1.49 -8.65
C ILE B 272 -37.07 2.00 -8.04
N GLN B 273 -36.76 1.52 -6.83
CA GLN B 273 -35.46 1.82 -6.24
C GLN B 273 -34.36 1.17 -7.08
N SER B 274 -33.17 1.78 -7.01
CA SER B 274 -32.06 1.30 -7.84
C SER B 274 -31.55 -0.06 -7.39
N ASP B 275 -31.96 -0.52 -6.20
CA ASP B 275 -31.52 -1.83 -5.73
C ASP B 275 -32.21 -2.95 -6.49
N LYS B 276 -33.48 -2.77 -6.85
CA LYS B 276 -34.24 -3.82 -7.52
C LYS B 276 -34.16 -3.64 -9.03
N LEU B 277 -33.01 -4.01 -9.59
CA LEU B 277 -32.77 -3.98 -11.02
C LEU B 277 -32.23 -5.32 -11.47
N LEU B 278 -32.73 -5.81 -12.61
CA LEU B 278 -32.35 -7.10 -13.14
C LEU B 278 -31.89 -6.96 -14.59
N PRO B 279 -31.01 -7.85 -15.07
CA PRO B 279 -30.54 -7.77 -16.45
C PRO B 279 -31.64 -7.98 -17.47
N GLY B 280 -31.96 -6.93 -18.22
CA GLY B 280 -33.01 -6.99 -19.23
C GLY B 280 -34.02 -5.87 -19.10
N ASP B 281 -33.82 -5.01 -18.10
CA ASP B 281 -34.74 -3.90 -17.88
C ASP B 281 -34.54 -2.82 -18.93
N LEU B 282 -35.54 -1.93 -19.02
CA LEU B 282 -35.50 -0.77 -19.90
C LEU B 282 -35.51 0.46 -19.01
N VAL B 283 -34.34 0.91 -18.62
CA VAL B 283 -34.20 2.00 -17.65
C VAL B 283 -34.09 3.32 -18.39
N SER B 284 -34.55 4.39 -17.74
CA SER B 284 -34.43 5.75 -18.26
C SER B 284 -33.42 6.50 -17.41
N VAL B 285 -32.30 6.87 -18.01
CA VAL B 285 -31.22 7.57 -17.31
C VAL B 285 -31.43 9.07 -17.45
N THR B 286 -31.18 9.78 -16.36
CA THR B 286 -31.22 11.25 -16.31
C THR B 286 -29.93 11.75 -15.66
N ARG B 287 -29.89 13.03 -15.33
CA ARG B 287 -28.71 13.58 -14.69
C ARG B 287 -28.49 12.96 -13.31
N THR B 288 -27.25 12.61 -13.02
CA THR B 288 -26.89 11.99 -11.74
C THR B 288 -26.53 13.08 -10.73
N LYS B 289 -27.18 13.03 -9.57
CA LYS B 289 -26.97 14.05 -8.56
C LYS B 289 -25.63 13.84 -7.85
N GLU B 290 -25.34 14.74 -6.92
CA GLU B 290 -24.10 14.69 -6.15
C GLU B 290 -24.09 13.48 -5.23
N ASP B 291 -22.89 12.91 -5.03
CA ASP B 291 -22.67 11.73 -4.19
C ASP B 291 -23.49 10.54 -4.67
N SER B 292 -23.54 10.36 -5.99
CA SER B 292 -24.25 9.23 -6.60
C SER B 292 -23.57 8.90 -7.91
N GLY B 293 -23.97 7.76 -8.49
CA GLY B 293 -23.44 7.32 -9.76
C GLY B 293 -24.43 6.40 -10.45
N VAL B 294 -24.01 5.85 -11.58
CA VAL B 294 -24.85 4.92 -12.31
C VAL B 294 -24.95 3.62 -11.51
N ALA B 295 -26.18 3.12 -11.36
CA ALA B 295 -26.40 1.96 -10.50
C ALA B 295 -25.87 0.68 -11.11
N CYS B 296 -26.13 0.45 -12.39
CA CYS B 296 -25.77 -0.80 -13.05
C CYS B 296 -25.09 -0.53 -14.38
N ASP B 297 -24.39 -1.54 -14.88
CA ASP B 297 -23.77 -1.46 -16.20
C ASP B 297 -24.85 -1.65 -17.26
N MET B 298 -24.97 -0.69 -18.16
CA MET B 298 -26.03 -0.72 -19.17
C MET B 298 -25.51 -0.22 -20.50
N ILE B 299 -26.24 -0.54 -21.55
CA ILE B 299 -25.94 -0.13 -22.91
C ILE B 299 -27.03 0.83 -23.37
N LEU B 300 -26.62 1.98 -23.91
CA LEU B 300 -27.56 2.99 -24.36
C LEU B 300 -28.22 2.55 -25.66
N VAL B 301 -29.51 2.82 -25.78
CA VAL B 301 -30.27 2.50 -26.97
C VAL B 301 -30.70 3.75 -27.73
N GLU B 302 -31.26 4.73 -27.02
CA GLU B 302 -31.69 5.97 -27.64
C GLU B 302 -31.26 7.15 -26.77
N GLY B 303 -30.64 8.14 -27.38
CA GLY B 303 -30.20 9.33 -26.68
C GLY B 303 -28.70 9.49 -26.68
N THR B 304 -28.27 10.68 -26.25
CA THR B 304 -26.86 11.04 -26.16
C THR B 304 -26.54 11.42 -24.72
N ALA B 305 -25.38 11.00 -24.23
CA ALA B 305 -25.01 11.26 -22.85
C ALA B 305 -23.59 11.83 -22.77
N ILE B 306 -23.45 12.93 -22.04
CA ILE B 306 -22.14 13.48 -21.72
C ILE B 306 -21.82 13.02 -20.31
N VAL B 307 -20.81 12.16 -20.18
CA VAL B 307 -20.48 11.51 -18.92
C VAL B 307 -19.10 11.95 -18.46
N ASN B 308 -18.77 11.58 -17.22
CA ASN B 308 -17.50 11.92 -16.57
C ASN B 308 -16.91 10.62 -16.03
N GLU B 309 -16.14 9.92 -16.86
CA GLU B 309 -15.54 8.64 -16.47
C GLU B 309 -14.30 8.91 -15.64
N ALA B 310 -14.51 9.24 -14.37
CA ALA B 310 -13.43 9.52 -13.43
C ALA B 310 -12.99 8.28 -12.66
N MET B 311 -13.62 7.13 -12.89
CA MET B 311 -13.27 5.90 -12.19
C MET B 311 -12.35 5.00 -12.99
N LEU B 312 -12.56 4.90 -14.31
CA LEU B 312 -11.75 4.01 -15.14
C LEU B 312 -10.46 4.69 -15.57
N SER B 313 -10.56 5.82 -16.29
CA SER B 313 -9.37 6.49 -16.79
C SER B 313 -8.63 7.22 -15.67
N GLY B 314 -9.37 7.87 -14.78
CA GLY B 314 -8.78 8.65 -13.72
C GLY B 314 -8.77 10.14 -13.96
N GLU B 315 -9.05 10.58 -15.19
CA GLU B 315 -9.08 11.99 -15.52
C GLU B 315 -10.48 12.53 -15.24
N SER B 316 -10.75 13.77 -15.67
CA SER B 316 -12.06 14.38 -15.49
C SER B 316 -12.60 15.00 -16.77
N THR B 317 -11.99 14.71 -17.91
CA THR B 317 -12.47 15.24 -19.18
C THR B 317 -13.78 14.58 -19.55
N PRO B 318 -14.83 15.34 -19.86
CA PRO B 318 -16.11 14.73 -20.24
C PRO B 318 -16.00 13.94 -21.53
N LEU B 319 -16.75 12.84 -21.59
CA LEU B 319 -16.80 11.97 -22.76
C LEU B 319 -18.22 11.97 -23.32
N LEU B 320 -18.31 11.78 -24.64
CA LEU B 320 -19.57 11.78 -25.35
C LEU B 320 -19.92 10.36 -25.74
N LYS B 321 -21.09 9.87 -25.31
CA LYS B 321 -21.58 8.55 -25.62
C LYS B 321 -22.83 8.69 -26.47
N ASP B 322 -22.81 8.06 -27.65
CA ASP B 322 -23.92 8.15 -28.59
C ASP B 322 -24.83 6.94 -28.43
N SER B 323 -25.93 6.95 -29.18
CA SER B 323 -26.92 5.88 -29.11
C SER B 323 -26.49 4.71 -29.99
N ILE B 324 -27.40 3.78 -30.23
CA ILE B 324 -27.16 2.60 -31.05
C ILE B 324 -28.26 2.51 -32.10
N GLN B 325 -29.12 3.52 -32.13
CA GLN B 325 -30.29 3.51 -33.01
C GLN B 325 -29.92 3.57 -34.49
N LEU B 326 -28.74 4.10 -34.81
CA LEU B 326 -28.32 4.27 -36.20
C LEU B 326 -27.43 3.12 -36.68
N ARG B 327 -27.64 1.92 -36.16
CA ARG B 327 -26.82 0.77 -36.56
C ARG B 327 -27.73 -0.40 -36.94
N PRO B 328 -27.38 -1.13 -38.00
CA PRO B 328 -28.19 -2.27 -38.43
C PRO B 328 -27.87 -3.51 -37.59
N GLY B 329 -28.50 -4.62 -37.97
CA GLY B 329 -28.28 -5.89 -37.30
C GLY B 329 -26.88 -6.43 -37.51
N ASP B 330 -26.08 -6.43 -36.44
CA ASP B 330 -24.69 -6.84 -36.53
C ASP B 330 -24.24 -7.32 -35.16
N ALA B 331 -23.14 -8.07 -35.15
CA ALA B 331 -22.56 -8.55 -33.91
C ALA B 331 -22.05 -7.38 -33.06
N VAL B 332 -22.14 -7.53 -31.74
CA VAL B 332 -21.74 -6.49 -30.81
C VAL B 332 -20.21 -6.47 -30.74
N LEU B 333 -19.60 -5.43 -31.29
CA LEU B 333 -18.15 -5.23 -31.20
C LEU B 333 -17.82 -4.32 -30.03
N GLU B 334 -18.10 -4.81 -28.83
CA GLU B 334 -17.98 -3.99 -27.63
C GLU B 334 -16.55 -3.85 -27.13
N VAL B 335 -15.60 -4.64 -27.64
CA VAL B 335 -14.25 -4.58 -27.08
C VAL B 335 -13.45 -3.42 -27.67
N ASP B 336 -13.51 -3.24 -29.00
CA ASP B 336 -12.84 -2.10 -29.63
C ASP B 336 -13.59 -1.53 -30.82
N GLY B 337 -14.77 -2.04 -31.14
CA GLY B 337 -15.48 -1.62 -32.33
C GLY B 337 -16.24 -0.32 -32.13
N LEU B 338 -17.21 -0.11 -33.02
CA LEU B 338 -18.04 1.08 -32.97
C LEU B 338 -18.98 1.10 -31.77
N ASP B 339 -19.18 -0.03 -31.09
CA ASP B 339 -20.08 -0.13 -29.96
C ASP B 339 -19.42 0.19 -28.63
N LYS B 340 -18.11 0.50 -28.62
CA LYS B 340 -17.46 0.85 -27.36
C LYS B 340 -17.93 2.20 -26.86
N ASN B 341 -18.28 3.12 -27.75
CA ASN B 341 -18.79 4.43 -27.36
C ASN B 341 -20.24 4.39 -26.89
N SER B 342 -20.94 3.27 -27.08
CA SER B 342 -22.32 3.16 -26.64
C SER B 342 -22.47 2.54 -25.27
N LEU B 343 -21.47 1.82 -24.78
CA LEU B 343 -21.54 1.21 -23.47
C LEU B 343 -21.44 2.27 -22.38
N LEU B 344 -22.28 2.16 -21.36
CA LEU B 344 -22.31 3.09 -20.24
C LEU B 344 -21.98 2.32 -18.97
N TRP B 345 -20.79 2.56 -18.42
CA TRP B 345 -20.32 1.79 -17.28
C TRP B 345 -21.03 2.23 -16.00
N GLY B 346 -20.90 1.40 -14.96
CA GLY B 346 -21.53 1.67 -13.69
C GLY B 346 -20.55 2.18 -12.66
N GLY B 347 -20.75 3.42 -12.21
CA GLY B 347 -19.85 4.04 -11.26
C GLY B 347 -19.52 5.46 -11.65
N THR B 348 -19.60 5.75 -12.94
CA THR B 348 -19.36 7.08 -13.46
C THR B 348 -20.59 7.96 -13.21
N LYS B 349 -20.48 9.23 -13.57
CA LYS B 349 -21.55 10.21 -13.38
C LYS B 349 -21.98 10.75 -14.73
N VAL B 350 -23.29 10.78 -14.96
CA VAL B 350 -23.85 11.31 -16.20
C VAL B 350 -23.99 12.82 -16.02
N LEU B 351 -23.14 13.59 -16.68
CA LEU B 351 -23.18 15.04 -16.54
C LEU B 351 -24.37 15.65 -17.25
N GLN B 352 -24.66 15.20 -18.47
CA GLN B 352 -25.77 15.79 -19.22
C GLN B 352 -26.42 14.72 -20.09
N ILE B 353 -27.71 14.92 -20.38
CA ILE B 353 -28.50 14.01 -21.20
C ILE B 353 -29.16 14.83 -22.30
N THR B 354 -28.99 14.39 -23.55
CA THR B 354 -29.61 15.05 -24.69
C THR B 354 -30.50 14.04 -25.41
N HIS B 355 -31.77 14.39 -25.57
CA HIS B 355 -32.72 13.50 -26.23
C HIS B 355 -32.48 13.39 -27.72
N GLY B 356 -31.98 14.44 -28.36
CA GLY B 356 -31.73 14.43 -29.79
C GLY B 356 -31.23 15.75 -30.32
N PRO B 365 -38.90 5.92 -31.19
CA PRO B 365 -38.11 4.68 -31.06
C PRO B 365 -38.56 3.60 -32.03
N ALA B 366 -37.68 2.62 -32.29
CA ALA B 366 -38.02 1.55 -33.21
C ALA B 366 -39.00 0.55 -32.59
N SER B 367 -39.00 0.43 -31.27
CA SER B 367 -39.87 -0.52 -30.58
C SER B 367 -41.23 0.07 -30.22
N GLY B 368 -41.47 1.34 -30.54
CA GLY B 368 -42.75 1.95 -30.24
C GLY B 368 -43.03 2.13 -28.76
N ILE B 369 -42.02 2.52 -27.98
CA ILE B 369 -42.16 2.72 -26.55
C ILE B 369 -42.46 4.19 -26.28
N PRO B 370 -43.44 4.51 -25.44
CA PRO B 370 -43.69 5.90 -25.10
C PRO B 370 -42.51 6.50 -24.37
N PRO B 371 -42.28 7.81 -24.51
CA PRO B 371 -41.14 8.44 -23.84
C PRO B 371 -41.31 8.42 -22.33
N PRO B 372 -40.22 8.37 -21.57
CA PRO B 372 -40.34 8.32 -20.11
C PRO B 372 -40.87 9.63 -19.57
N PRO B 373 -41.55 9.60 -18.42
CA PRO B 373 -42.08 10.85 -17.85
C PRO B 373 -41.02 11.86 -17.46
N ASP B 374 -39.83 11.41 -17.05
CA ASP B 374 -38.78 12.32 -16.63
C ASP B 374 -37.91 12.82 -17.79
N ASN B 375 -38.22 12.40 -19.02
CA ASN B 375 -37.54 12.84 -20.23
C ASN B 375 -36.04 12.50 -20.18
N GLY B 376 -35.75 11.22 -20.01
CA GLY B 376 -34.41 10.71 -19.96
C GLY B 376 -34.02 9.99 -21.25
N ALA B 377 -33.06 9.07 -21.14
CA ALA B 377 -32.61 8.28 -22.26
C ALA B 377 -32.80 6.80 -21.95
N MET B 378 -33.23 6.03 -22.95
CA MET B 378 -33.49 4.62 -22.76
C MET B 378 -32.20 3.81 -22.81
N ALA B 379 -32.08 2.83 -21.92
CA ALA B 379 -30.91 1.97 -21.87
C ALA B 379 -31.33 0.59 -21.35
N VAL B 380 -30.52 -0.41 -21.65
CA VAL B 380 -30.78 -1.80 -21.27
C VAL B 380 -29.65 -2.27 -20.37
N VAL B 381 -30.01 -2.82 -19.20
CA VAL B 381 -29.00 -3.32 -18.26
C VAL B 381 -28.38 -4.60 -18.81
N THR B 382 -27.06 -4.73 -18.66
CA THR B 382 -26.38 -5.92 -19.14
C THR B 382 -25.74 -6.70 -18.00
N LYS B 383 -25.31 -5.98 -16.96
CA LYS B 383 -24.70 -6.61 -15.80
C LYS B 383 -25.21 -5.93 -14.54
N THR B 384 -25.16 -6.66 -13.43
CA THR B 384 -25.67 -6.12 -12.17
C THR B 384 -25.04 -6.89 -11.01
N GLY B 385 -25.15 -6.31 -9.82
CA GLY B 385 -24.64 -6.98 -8.64
C GLY B 385 -23.15 -6.77 -8.47
N PHE B 386 -22.46 -7.84 -8.10
CA PHE B 386 -21.01 -7.82 -7.89
C PHE B 386 -20.22 -8.08 -9.16
N GLU B 387 -20.90 -8.24 -10.29
CA GLU B 387 -20.25 -8.55 -11.56
C GLU B 387 -19.99 -7.33 -12.42
N THR B 388 -20.28 -6.12 -11.92
CA THR B 388 -20.10 -4.90 -12.71
C THR B 388 -18.62 -4.52 -12.73
N SER B 389 -18.32 -3.37 -13.32
CA SER B 389 -16.92 -2.91 -13.39
C SER B 389 -16.40 -2.52 -12.02
N GLN B 390 -17.18 -1.77 -11.24
CA GLN B 390 -16.76 -1.40 -9.90
C GLN B 390 -16.95 -2.52 -8.89
N GLY B 391 -17.73 -3.54 -9.23
CA GLY B 391 -17.84 -4.69 -8.34
C GLY B 391 -16.53 -5.41 -8.16
N SER B 392 -15.73 -5.51 -9.24
CA SER B 392 -14.41 -6.13 -9.13
C SER B 392 -13.50 -5.30 -8.24
N LEU B 393 -13.57 -3.97 -8.35
CA LEU B 393 -12.76 -3.11 -7.49
C LEU B 393 -13.17 -3.25 -6.02
N VAL B 394 -14.47 -3.33 -5.76
CA VAL B 394 -14.94 -3.53 -4.38
C VAL B 394 -14.49 -4.89 -3.85
N ARG B 395 -14.51 -5.92 -4.71
CA ARG B 395 -14.07 -7.24 -4.28
C ARG B 395 -12.58 -7.26 -3.98
N THR B 396 -11.77 -6.59 -4.81
CA THR B 396 -10.34 -6.53 -4.56
C THR B 396 -9.98 -5.57 -3.43
N MET B 397 -10.90 -4.70 -3.01
CA MET B 397 -10.65 -3.83 -1.87
C MET B 397 -10.45 -4.63 -0.59
N ILE B 398 -11.27 -5.64 -0.37
CA ILE B 398 -11.33 -6.32 0.92
C ILE B 398 -10.97 -7.80 0.85
N TYR B 399 -10.86 -8.39 -0.34
CA TYR B 399 -10.60 -9.83 -0.48
C TYR B 399 -9.42 -10.06 -1.41
N SER B 400 -8.32 -9.36 -1.20
CA SER B 400 -7.16 -9.51 -2.07
C SER B 400 -5.91 -10.00 -1.36
N THR B 401 -5.66 -9.54 -0.14
CA THR B 401 -4.45 -9.91 0.58
C THR B 401 -4.80 -10.23 2.03
N GLU B 402 -3.91 -10.98 2.67
CA GLU B 402 -4.07 -11.36 4.07
C GLU B 402 -3.44 -10.31 4.98
N ARG B 403 -3.87 -10.31 6.24
CA ARG B 403 -3.34 -9.38 7.22
C ARG B 403 -1.91 -9.74 7.57
N VAL B 404 -1.04 -8.74 7.58
CA VAL B 404 0.37 -8.92 7.91
C VAL B 404 0.56 -8.67 9.40
N SER B 405 1.20 -9.61 10.08
CA SER B 405 1.41 -9.52 11.53
C SER B 405 2.83 -9.98 11.84
N ALA B 406 3.09 -10.22 13.12
CA ALA B 406 4.41 -10.60 13.60
C ALA B 406 4.76 -12.06 13.32
N ASN B 407 3.84 -12.84 12.75
CA ASN B 407 4.09 -14.24 12.45
C ASN B 407 4.72 -14.34 11.07
N ASN B 408 6.05 -14.47 11.03
CA ASN B 408 6.79 -14.60 9.78
C ASN B 408 7.60 -15.89 9.81
N THR B 409 8.21 -16.22 8.67
CA THR B 409 9.06 -17.39 8.59
C THR B 409 10.38 -17.16 9.32
N GLU B 410 10.89 -15.92 9.29
CA GLU B 410 12.14 -15.61 10.00
C GLU B 410 11.99 -15.81 11.50
N ALA B 411 10.85 -15.40 12.06
CA ALA B 411 10.62 -15.62 13.48
C ALA B 411 10.57 -17.11 13.81
N LEU B 412 9.94 -17.91 12.96
CA LEU B 412 9.86 -19.34 13.19
C LEU B 412 11.24 -19.98 13.15
N LEU B 413 12.07 -19.58 12.18
CA LEU B 413 13.42 -20.14 12.10
C LEU B 413 14.26 -19.72 13.29
N PHE B 414 14.11 -18.47 13.74
CA PHE B 414 14.83 -17.99 14.91
C PHE B 414 14.44 -18.78 16.15
N ILE B 415 13.14 -19.03 16.32
CA ILE B 415 12.66 -19.81 17.45
C ILE B 415 13.17 -21.25 17.38
N LEU B 416 13.22 -21.83 16.17
CA LEU B 416 13.74 -23.18 16.03
C LEU B 416 15.23 -23.25 16.38
N PHE B 417 16.00 -22.24 15.98
CA PHE B 417 17.43 -22.18 16.32
C PHE B 417 17.63 -22.13 17.83
N LEU B 418 16.91 -21.23 18.50
CA LEU B 418 17.02 -21.15 19.95
C LEU B 418 16.50 -22.41 20.63
N LEU B 419 15.52 -23.07 20.02
CA LEU B 419 14.99 -24.31 20.59
C LEU B 419 16.00 -25.44 20.47
N VAL B 420 16.78 -25.46 19.38
CA VAL B 420 17.85 -26.46 19.25
C VAL B 420 18.88 -26.27 20.34
N PHE B 421 19.29 -25.02 20.59
CA PHE B 421 20.25 -24.78 21.66
C PHE B 421 19.65 -25.13 23.03
N ALA B 422 18.37 -24.82 23.24
CA ALA B 422 17.70 -25.14 24.49
C ALA B 422 17.63 -26.64 24.71
N LEU B 423 17.35 -27.41 23.65
CA LEU B 423 17.29 -28.86 23.78
C LEU B 423 18.66 -29.44 24.10
N ALA B 424 19.73 -28.89 23.51
CA ALA B 424 21.07 -29.35 23.86
C ALA B 424 21.37 -29.10 25.33
N ALA B 425 21.07 -27.89 25.82
CA ALA B 425 21.31 -27.58 27.22
C ALA B 425 20.47 -28.45 28.15
N SER B 426 19.21 -28.68 27.80
CA SER B 426 18.33 -29.50 28.63
C SER B 426 18.79 -30.95 28.66
N TRP B 427 19.27 -31.47 27.53
CA TRP B 427 19.80 -32.83 27.52
C TRP B 427 21.01 -32.95 28.42
N TYR B 428 21.91 -31.96 28.38
CA TYR B 428 23.08 -31.99 29.25
C TYR B 428 22.67 -31.95 30.73
N VAL B 429 21.74 -31.06 31.08
CA VAL B 429 21.31 -30.93 32.46
C VAL B 429 20.64 -32.22 32.94
N TRP B 430 19.76 -32.80 32.10
CA TRP B 430 19.06 -34.02 32.49
C TRP B 430 20.02 -35.19 32.65
N ASP B 431 21.01 -35.30 31.75
CA ASP B 431 21.98 -36.39 31.87
C ASP B 431 22.80 -36.24 33.14
N GLU B 432 23.28 -35.03 33.45
CA GLU B 432 24.07 -34.87 34.66
C GLU B 432 23.21 -35.01 35.92
N GLY B 433 21.92 -34.71 35.84
CA GLY B 433 21.06 -34.89 36.99
C GLY B 433 20.63 -36.32 37.22
N VAL B 434 20.55 -37.12 36.15
CA VAL B 434 20.19 -38.52 36.30
C VAL B 434 21.42 -39.38 36.60
N ARG B 435 22.63 -38.91 36.27
CA ARG B 435 23.83 -39.66 36.64
C ARG B 435 24.06 -39.63 38.15
N LYS B 436 23.70 -38.52 38.81
CA LYS B 436 23.85 -38.40 40.25
C LYS B 436 22.62 -38.87 41.02
N ASP B 437 21.54 -39.24 40.32
CA ASP B 437 20.30 -39.77 40.91
C ASP B 437 19.71 -38.79 41.91
N ARG B 438 19.33 -37.61 41.42
CA ARG B 438 18.68 -36.59 42.22
C ARG B 438 17.16 -36.77 42.16
N LYS B 439 16.45 -35.90 42.88
CA LYS B 439 14.99 -35.94 42.87
C LYS B 439 14.46 -35.51 41.51
N ARG B 440 13.51 -36.27 40.98
CA ARG B 440 12.99 -36.00 39.64
C ARG B 440 12.17 -34.72 39.57
N SER B 441 11.58 -34.29 40.69
CA SER B 441 10.75 -33.09 40.69
C SER B 441 11.59 -31.85 40.39
N LYS B 442 12.69 -31.66 41.12
CA LYS B 442 13.55 -30.50 40.89
C LYS B 442 14.23 -30.58 39.54
N LEU B 443 14.60 -31.79 39.11
CA LEU B 443 15.23 -31.96 37.80
C LEU B 443 14.29 -31.55 36.67
N LEU B 444 13.05 -32.02 36.73
CA LEU B 444 12.06 -31.67 35.72
C LEU B 444 11.74 -30.18 35.75
N LEU B 445 11.62 -29.61 36.95
CA LEU B 445 11.33 -28.18 37.05
C LEU B 445 12.48 -27.35 36.50
N ASP B 446 13.73 -27.75 36.76
CA ASP B 446 14.88 -27.03 36.23
C ASP B 446 14.94 -27.14 34.71
N CYS B 447 14.66 -28.33 34.16
CA CYS B 447 14.65 -28.48 32.70
C CYS B 447 13.58 -27.60 32.08
N ILE B 448 12.38 -27.56 32.68
CA ILE B 448 11.32 -26.70 32.19
C ILE B 448 11.72 -25.23 32.28
N LEU B 449 12.38 -24.85 33.37
CA LEU B 449 12.80 -23.47 33.56
C LEU B 449 13.81 -23.04 32.50
N ILE B 450 14.82 -23.87 32.23
CA ILE B 450 15.80 -23.47 31.23
C ILE B 450 15.21 -23.52 29.83
N ILE B 451 14.27 -24.44 29.57
CA ILE B 451 13.62 -24.47 28.28
C ILE B 451 12.80 -23.20 28.05
N THR B 452 12.04 -22.77 29.05
CA THR B 452 11.28 -21.54 28.92
C THR B 452 12.17 -20.31 28.91
N SER B 453 13.33 -20.37 29.57
CA SER B 453 14.22 -19.22 29.62
C SER B 453 14.99 -19.00 28.33
N VAL B 454 15.35 -20.07 27.62
CA VAL B 454 16.13 -19.89 26.41
C VAL B 454 15.29 -19.29 25.29
N VAL B 455 14.13 -19.88 24.99
CA VAL B 455 13.27 -19.26 23.98
C VAL B 455 12.54 -18.11 24.63
N PRO B 456 12.70 -16.89 24.13
CA PRO B 456 12.15 -15.72 24.82
C PRO B 456 10.67 -15.54 24.53
N PRO B 457 9.84 -15.47 25.58
CA PRO B 457 8.42 -15.15 25.36
C PRO B 457 8.17 -13.66 25.21
N GLU B 458 9.19 -12.82 25.35
CA GLU B 458 9.06 -11.38 25.26
C GLU B 458 9.32 -10.84 23.85
N LEU B 459 9.66 -11.71 22.89
CA LEU B 459 9.94 -11.25 21.54
C LEU B 459 8.74 -10.60 20.85
N PRO B 460 7.53 -11.19 20.84
CA PRO B 460 6.43 -10.50 20.15
C PRO B 460 5.99 -9.21 20.84
N MET B 461 5.97 -9.18 22.17
CA MET B 461 5.59 -7.95 22.84
C MET B 461 6.68 -6.89 22.81
N GLU B 462 7.89 -7.25 22.36
CA GLU B 462 8.92 -6.24 22.11
C GLU B 462 8.86 -5.74 20.68
N LEU B 463 8.60 -6.62 19.71
CA LEU B 463 8.42 -6.19 18.33
C LEU B 463 7.20 -5.29 18.20
N SER B 464 6.12 -5.62 18.92
CA SER B 464 4.92 -4.80 18.88
C SER B 464 5.18 -3.41 19.44
N LEU B 465 5.97 -3.31 20.51
CA LEU B 465 6.32 -2.01 21.05
C LEU B 465 7.20 -1.22 20.10
N ALA B 466 8.17 -1.89 19.47
CA ALA B 466 9.06 -1.22 18.52
C ALA B 466 8.30 -0.72 17.30
N VAL B 467 7.20 -1.38 16.94
CA VAL B 467 6.37 -0.92 15.83
C VAL B 467 5.41 0.19 16.27
N ASN B 468 4.80 0.06 17.45
CA ASN B 468 3.86 1.05 17.93
C ASN B 468 4.53 2.38 18.23
N THR B 469 5.82 2.36 18.59
CA THR B 469 6.54 3.62 18.78
C THR B 469 6.62 4.41 17.47
N SER B 470 6.95 3.73 16.38
CA SER B 470 6.97 4.39 15.07
C SER B 470 5.58 4.81 14.64
N LEU B 471 4.57 4.00 14.97
CA LEU B 471 3.19 4.36 14.65
C LEU B 471 2.77 5.64 15.36
N SER B 472 3.17 5.79 16.63
CA SER B 472 2.85 7.02 17.36
C SER B 472 3.67 8.19 16.85
N ALA B 473 4.92 7.96 16.44
CA ALA B 473 5.75 9.05 15.93
C ALA B 473 5.31 9.51 14.55
N LEU B 474 4.66 8.65 13.77
CA LEU B 474 4.20 9.02 12.44
C LEU B 474 2.99 9.94 12.45
N ALA B 475 2.32 10.09 13.59
CA ALA B 475 1.09 10.89 13.65
C ALA B 475 1.35 12.39 13.62
N LYS B 476 2.61 12.83 13.76
CA LYS B 476 2.90 14.26 13.74
C LYS B 476 2.74 14.83 12.33
N PHE B 477 2.95 14.02 11.31
CA PHE B 477 2.78 14.44 9.92
C PHE B 477 1.38 14.12 9.40
N ALA B 478 0.44 13.82 10.28
CA ALA B 478 -0.94 13.46 9.93
C ALA B 478 -0.98 12.27 8.97
N ILE B 479 -0.14 11.28 9.24
CA ILE B 479 -0.05 10.07 8.43
C ILE B 479 -0.56 8.91 9.30
N PHE B 480 -1.83 8.57 9.15
CA PHE B 480 -2.39 7.46 9.92
C PHE B 480 -2.12 6.14 9.21
N CYS B 481 -2.22 5.05 9.97
CA CYS B 481 -1.94 3.73 9.43
C CYS B 481 -2.98 2.73 9.94
N THR B 482 -3.21 1.69 9.15
CA THR B 482 -4.14 0.62 9.48
C THR B 482 -3.45 -0.66 9.90
N GLU B 483 -2.46 -1.12 9.11
CA GLU B 483 -1.68 -2.29 9.45
C GLU B 483 -0.31 -1.82 9.91
N PRO B 484 -0.03 -1.80 11.22
CA PRO B 484 1.23 -1.20 11.69
C PRO B 484 2.47 -2.00 11.35
N PHE B 485 2.35 -3.30 11.06
CA PHE B 485 3.51 -4.13 10.83
C PHE B 485 4.05 -4.05 9.41
N ARG B 486 3.54 -3.12 8.59
CA ARG B 486 4.06 -2.89 7.26
C ARG B 486 5.14 -1.81 7.23
N ILE B 487 5.39 -1.16 8.37
CA ILE B 487 6.45 -0.13 8.42
C ILE B 487 7.83 -0.68 8.13
N PRO B 488 8.26 -1.85 8.65
CA PRO B 488 9.58 -2.37 8.25
C PRO B 488 9.73 -2.60 6.77
N PHE B 489 8.65 -2.96 6.06
CA PHE B 489 8.71 -3.13 4.62
C PHE B 489 9.11 -1.85 3.89
N ALA B 490 8.89 -0.69 4.52
CA ALA B 490 9.30 0.58 3.93
C ALA B 490 10.81 0.80 4.01
N GLY B 491 11.53 -0.02 4.77
CA GLY B 491 12.97 0.14 4.84
C GLY B 491 13.76 -0.48 3.72
N ARG B 492 13.14 -1.36 2.93
CA ARG B 492 13.80 -2.06 1.83
C ARG B 492 13.12 -1.80 0.50
N ILE B 493 12.54 -0.61 0.32
CA ILE B 493 11.82 -0.30 -0.90
C ILE B 493 12.81 -0.08 -2.04
N ASP B 494 12.61 -0.80 -3.14
CA ASP B 494 13.47 -0.68 -4.31
C ASP B 494 12.81 0.04 -5.47
N VAL B 495 11.49 -0.03 -5.61
CA VAL B 495 10.75 0.64 -6.66
C VAL B 495 9.61 1.43 -6.01
N ALA B 496 9.49 2.70 -6.36
CA ALA B 496 8.47 3.58 -5.82
C ALA B 496 7.68 4.19 -6.98
N CYS B 497 6.51 3.62 -7.27
CA CYS B 497 5.65 4.12 -8.33
C CYS B 497 4.91 5.38 -7.87
N PHE B 498 4.28 6.06 -8.82
CA PHE B 498 3.58 7.30 -8.53
C PHE B 498 2.44 7.50 -9.51
N ASP B 499 1.38 8.14 -9.04
CA ASP B 499 0.29 8.56 -9.91
C ASP B 499 0.63 9.93 -10.50
N LYS B 500 -0.23 10.45 -11.36
CA LYS B 500 0.05 11.74 -11.99
C LYS B 500 -1.00 12.80 -11.68
N THR B 501 -2.28 12.52 -11.95
CA THR B 501 -3.29 13.57 -11.86
C THR B 501 -3.58 13.97 -10.42
N GLY B 502 -3.52 13.03 -9.49
CA GLY B 502 -3.84 13.35 -8.12
C GLY B 502 -2.67 13.43 -7.17
N THR B 503 -1.55 12.80 -7.51
CA THR B 503 -0.41 12.74 -6.60
C THR B 503 0.61 13.85 -6.85
N LEU B 504 1.17 13.89 -8.06
CA LEU B 504 2.19 14.89 -8.37
C LEU B 504 1.58 16.18 -8.90
N THR B 505 0.86 16.09 -10.02
CA THR B 505 0.25 17.27 -10.61
C THR B 505 -0.96 17.70 -9.80
N GLY B 506 -1.05 18.99 -9.49
CA GLY B 506 -2.21 19.49 -8.79
C GLY B 506 -3.45 19.50 -9.68
N GLU B 507 -4.60 19.21 -9.06
CA GLU B 507 -5.84 19.14 -9.82
C GLU B 507 -6.28 20.50 -10.33
N ASP B 508 -6.06 21.56 -9.56
CA ASP B 508 -6.44 22.90 -9.96
C ASP B 508 -5.45 23.44 -10.99
N LEU B 509 -5.87 24.48 -11.71
CA LEU B 509 -5.05 25.09 -12.74
C LEU B 509 -5.19 26.61 -12.65
N VAL B 510 -4.07 27.32 -12.87
CA VAL B 510 -4.04 28.76 -12.82
C VAL B 510 -3.47 29.28 -14.13
N VAL B 511 -3.80 30.54 -14.45
CA VAL B 511 -3.36 31.18 -15.68
C VAL B 511 -2.44 32.33 -15.30
N GLU B 512 -1.21 32.29 -15.81
CA GLU B 512 -0.25 33.34 -15.52
C GLU B 512 -0.55 34.61 -16.29
N GLY B 513 -1.00 34.49 -17.53
CA GLY B 513 -1.36 35.64 -18.32
C GLY B 513 -1.09 35.38 -19.79
N ILE B 514 -0.89 36.48 -20.52
CA ILE B 514 -0.63 36.45 -21.96
C ILE B 514 0.59 37.31 -22.25
N ALA B 515 1.52 36.75 -23.00
CA ALA B 515 2.76 37.42 -23.38
C ALA B 515 2.88 37.44 -24.90
N GLY B 516 3.99 38.02 -25.38
CA GLY B 516 4.26 38.05 -26.80
C GLY B 516 3.44 39.04 -27.59
N LEU B 517 2.76 39.98 -26.94
CA LEU B 517 1.97 40.97 -27.67
C LEU B 517 2.81 42.13 -28.20
N GLY B 518 4.09 42.19 -27.83
CA GLY B 518 4.99 43.21 -28.32
C GLY B 518 5.69 42.89 -29.62
N LEU B 519 5.34 41.77 -30.25
CA LEU B 519 5.96 41.37 -31.49
C LEU B 519 5.47 42.26 -32.64
N GLY B 520 6.23 42.23 -33.74
CA GLY B 520 5.92 43.06 -34.89
C GLY B 520 6.68 44.36 -34.85
N HIS B 521 6.02 45.43 -34.39
CA HIS B 521 6.66 46.73 -34.22
C HIS B 521 7.00 46.90 -32.74
N SER B 522 8.28 47.12 -32.46
CA SER B 522 8.77 47.24 -31.10
C SER B 522 9.40 48.62 -30.89
N GLY B 523 9.12 49.21 -29.73
CA GLY B 523 9.66 50.50 -29.35
C GLY B 523 10.98 50.44 -28.62
N THR B 524 11.63 49.27 -28.56
CA THR B 524 12.90 49.06 -27.88
C THR B 524 12.84 49.48 -26.41
N ASP B 525 11.72 49.15 -25.75
CA ASP B 525 11.54 49.46 -24.34
C ASP B 525 11.23 48.23 -23.49
N THR B 526 10.60 47.20 -24.05
CA THR B 526 10.31 46.00 -23.28
C THR B 526 11.61 45.23 -23.03
N PRO B 527 11.74 44.58 -21.86
CA PRO B 527 12.94 43.79 -21.59
C PRO B 527 13.04 42.59 -22.53
N LYS B 528 14.28 42.23 -22.84
CA LYS B 528 14.56 41.13 -23.75
C LYS B 528 15.60 40.20 -23.13
N GLU B 529 15.56 38.93 -23.55
CA GLU B 529 16.48 37.93 -23.04
C GLU B 529 17.81 38.03 -23.77
N ALA B 530 18.69 37.05 -23.57
CA ALA B 530 19.99 37.06 -24.23
C ALA B 530 19.84 36.89 -25.75
N ASP B 531 18.92 36.04 -26.17
CA ASP B 531 18.67 35.81 -27.59
C ASP B 531 17.60 36.73 -28.17
N GLY B 532 17.06 37.63 -27.37
CA GLY B 532 16.05 38.56 -27.84
C GLY B 532 14.61 38.15 -27.57
N ALA B 533 14.38 37.15 -26.72
CA ALA B 533 13.02 36.73 -26.42
C ALA B 533 12.30 37.78 -25.59
N HIS B 534 11.07 38.11 -25.97
CA HIS B 534 10.27 39.09 -25.26
C HIS B 534 9.63 38.43 -24.04
N THR B 535 10.00 38.90 -22.85
CA THR B 535 9.49 38.35 -21.60
C THR B 535 8.48 39.27 -20.91
N ARG B 536 7.85 40.17 -21.66
CA ARG B 536 6.86 41.07 -21.07
C ARG B 536 5.60 40.30 -20.71
N MET B 537 5.13 40.49 -19.48
CA MET B 537 3.94 39.80 -18.97
C MET B 537 2.82 40.82 -18.80
N VAL B 538 1.69 40.57 -19.44
CA VAL B 538 0.52 41.43 -19.37
C VAL B 538 -0.66 40.59 -18.89
N SER B 539 -1.34 41.07 -17.86
CA SER B 539 -2.47 40.34 -17.31
C SER B 539 -3.66 40.38 -18.27
N VAL B 540 -4.56 39.41 -18.09
CA VAL B 540 -5.75 39.33 -18.94
C VAL B 540 -6.68 40.52 -18.71
N HIS B 541 -6.75 41.01 -17.46
CA HIS B 541 -7.59 42.17 -17.17
C HIS B 541 -7.06 43.42 -17.87
N ASP B 542 -5.77 43.52 -18.09
CA ASP B 542 -5.15 44.64 -18.78
C ASP B 542 -4.83 44.32 -20.24
N ALA B 543 -5.32 43.20 -20.75
CA ALA B 543 -5.04 42.78 -22.12
C ALA B 543 -5.84 43.63 -23.11
N GLY B 544 -5.48 43.48 -24.38
CA GLY B 544 -6.12 44.24 -25.44
C GLY B 544 -7.49 43.70 -25.81
N MET B 545 -8.13 44.42 -26.73
CA MET B 545 -9.47 44.03 -27.18
C MET B 545 -9.44 42.75 -28.01
N GLU B 546 -8.40 42.59 -28.84
CA GLU B 546 -8.34 41.45 -29.75
C GLU B 546 -8.15 40.14 -29.00
N THR B 547 -7.26 40.15 -28.00
CA THR B 547 -7.02 38.93 -27.21
C THR B 547 -8.26 38.52 -26.45
N THR B 548 -8.98 39.48 -25.87
CA THR B 548 -10.22 39.18 -25.16
C THR B 548 -11.27 38.64 -26.12
N LEU B 549 -11.37 39.23 -27.31
CA LEU B 549 -12.35 38.76 -28.29
C LEU B 549 -12.04 37.34 -28.75
N VAL B 550 -10.75 37.01 -28.93
CA VAL B 550 -10.39 35.65 -29.31
C VAL B 550 -10.67 34.67 -28.17
N LEU B 551 -10.31 35.05 -26.94
CA LEU B 551 -10.52 34.19 -25.79
C LEU B 551 -12.00 33.99 -25.46
N ALA B 552 -12.87 34.90 -25.92
CA ALA B 552 -14.30 34.80 -25.66
C ALA B 552 -15.04 33.94 -26.67
N THR B 553 -14.36 33.40 -27.68
CA THR B 553 -15.03 32.59 -28.70
C THR B 553 -14.32 31.29 -29.03
N ALA B 554 -13.03 31.13 -28.72
CA ALA B 554 -12.29 29.93 -29.08
C ALA B 554 -12.46 28.80 -28.08
N HIS B 555 -13.49 28.84 -27.24
CA HIS B 555 -13.69 27.83 -26.22
C HIS B 555 -14.61 26.72 -26.73
N ALA B 556 -14.92 25.77 -25.85
CA ALA B 556 -15.84 24.68 -26.17
C ALA B 556 -16.78 24.38 -25.01
N LEU B 557 -16.94 25.31 -24.08
CA LEU B 557 -17.77 25.09 -22.90
C LEU B 557 -19.25 25.15 -23.25
N VAL B 558 -20.06 24.45 -22.46
CA VAL B 558 -21.51 24.43 -22.62
C VAL B 558 -22.14 24.61 -21.24
N LYS B 559 -23.13 25.49 -21.16
CA LYS B 559 -23.80 25.81 -19.90
C LYS B 559 -25.06 24.95 -19.76
N LEU B 560 -25.20 24.32 -18.59
CA LEU B 560 -26.36 23.48 -18.32
C LEU B 560 -27.57 24.34 -17.96
N ASP B 561 -28.71 23.68 -17.74
CA ASP B 561 -29.94 24.39 -17.46
C ASP B 561 -29.96 24.95 -16.02
N GLU B 562 -29.27 24.29 -15.10
CA GLU B 562 -29.26 24.70 -13.71
C GLU B 562 -28.17 25.71 -13.38
N GLY B 563 -27.41 26.16 -14.38
CA GLY B 563 -26.36 27.13 -14.18
C GLY B 563 -24.97 26.56 -14.09
N GLU B 564 -24.82 25.24 -13.97
CA GLU B 564 -23.51 24.63 -13.91
C GLU B 564 -22.87 24.61 -15.29
N ILE B 565 -21.54 24.49 -15.30
CA ILE B 565 -20.76 24.50 -16.53
C ILE B 565 -19.82 23.29 -16.53
N VAL B 566 -19.62 22.71 -17.72
CA VAL B 566 -18.74 21.56 -17.89
C VAL B 566 -17.82 21.82 -19.07
N GLY B 567 -16.73 21.08 -19.11
CA GLY B 567 -15.78 21.19 -20.20
C GLY B 567 -14.36 20.97 -19.71
N ASP B 568 -13.42 21.35 -20.55
CA ASP B 568 -12.00 21.21 -20.24
C ASP B 568 -11.63 22.13 -19.07
N PRO B 569 -10.79 21.66 -18.14
CA PRO B 569 -10.40 22.52 -17.01
C PRO B 569 -9.69 23.80 -17.42
N MET B 570 -8.87 23.76 -18.48
CA MET B 570 -8.19 24.98 -18.91
C MET B 570 -9.15 25.99 -19.50
N GLU B 571 -10.22 25.54 -20.16
CA GLU B 571 -11.22 26.46 -20.68
C GLU B 571 -11.97 27.14 -19.54
N LYS B 572 -12.32 26.38 -18.50
CA LYS B 572 -12.96 26.98 -17.33
C LYS B 572 -12.03 27.96 -16.64
N ALA B 573 -10.75 27.63 -16.54
CA ALA B 573 -9.79 28.54 -15.91
C ALA B 573 -9.63 29.83 -16.69
N THR B 574 -9.52 29.74 -18.02
CA THR B 574 -9.34 30.94 -18.82
C THR B 574 -10.64 31.76 -18.89
N LEU B 575 -11.80 31.11 -18.77
CA LEU B 575 -13.05 31.88 -18.74
C LEU B 575 -13.23 32.56 -17.38
N ASN B 576 -12.80 31.92 -16.30
CA ASN B 576 -12.83 32.56 -15.00
C ASN B 576 -11.86 33.74 -14.95
N ALA B 577 -10.68 33.58 -15.56
CA ALA B 577 -9.72 34.68 -15.61
C ALA B 577 -10.20 35.80 -16.53
N LEU B 578 -10.98 35.47 -17.56
CA LEU B 578 -11.48 36.48 -18.48
C LEU B 578 -12.47 37.40 -17.80
N GLY B 579 -13.35 36.86 -16.96
CA GLY B 579 -14.34 37.63 -16.25
C GLY B 579 -15.69 37.71 -16.94
N TRP B 580 -15.79 37.32 -18.19
CA TRP B 580 -17.06 37.34 -18.89
C TRP B 580 -17.96 36.20 -18.39
N VAL B 581 -19.26 36.34 -18.64
CA VAL B 581 -20.25 35.39 -18.17
C VAL B 581 -20.92 34.71 -19.36
N LEU B 582 -20.99 33.38 -19.31
CA LEU B 582 -21.64 32.58 -20.34
C LEU B 582 -23.14 32.47 -20.07
N GLY B 583 -23.92 32.50 -21.14
CA GLY B 583 -25.35 32.41 -21.04
C GLY B 583 -25.92 31.55 -22.16
N LYS B 584 -27.19 31.18 -21.99
CA LYS B 584 -27.88 30.25 -22.87
C LYS B 584 -27.94 30.79 -24.31
N ASN B 585 -28.27 29.88 -25.23
CA ASN B 585 -28.23 30.10 -26.67
C ASN B 585 -26.84 30.51 -27.15
N ASP B 586 -25.80 30.03 -26.46
CA ASP B 586 -24.40 30.29 -26.79
C ASP B 586 -24.10 31.79 -26.82
N THR B 587 -24.25 32.43 -25.66
CA THR B 587 -24.04 33.87 -25.55
C THR B 587 -22.92 34.16 -24.56
N LEU B 588 -22.12 35.20 -24.86
CA LEU B 588 -21.04 35.64 -23.98
C LEU B 588 -21.26 37.11 -23.67
N THR B 589 -21.66 37.42 -22.44
CA THR B 589 -21.92 38.81 -22.05
C THR B 589 -20.94 39.22 -20.95
N SER B 590 -21.01 40.50 -20.60
CA SER B 590 -20.13 41.07 -19.57
C SER B 590 -20.59 40.67 -18.17
N GLY B 599 -13.16 44.20 -19.24
CA GLY B 599 -13.63 45.57 -19.24
C GLY B 599 -14.13 46.03 -20.59
N ILE B 600 -14.20 45.10 -21.54
CA ILE B 600 -14.68 45.42 -22.88
C ILE B 600 -16.19 45.70 -22.85
N LEU B 601 -16.93 44.91 -22.08
CA LEU B 601 -18.39 45.05 -21.94
C LEU B 601 -19.10 44.93 -23.29
N GLY B 602 -18.85 43.80 -23.96
CA GLY B 602 -19.46 43.51 -25.25
C GLY B 602 -20.27 42.24 -25.23
N THR B 603 -20.86 41.93 -26.37
CA THR B 603 -21.68 40.73 -26.54
C THR B 603 -21.14 39.91 -27.69
N VAL B 604 -20.93 38.61 -27.44
CA VAL B 604 -20.42 37.67 -28.44
C VAL B 604 -21.41 36.54 -28.57
N GLN B 605 -21.84 36.27 -29.80
CA GLN B 605 -22.77 35.19 -30.11
C GLN B 605 -22.09 34.24 -31.07
N ILE B 606 -21.69 33.06 -30.58
CA ILE B 606 -20.98 32.08 -31.41
C ILE B 606 -21.99 31.23 -32.17
N LYS B 607 -21.77 31.09 -33.47
CA LYS B 607 -22.66 30.34 -34.35
C LYS B 607 -22.14 28.93 -34.65
N ARG B 608 -20.94 28.84 -35.22
CA ARG B 608 -20.35 27.57 -35.60
C ARG B 608 -19.06 27.34 -34.82
N ARG B 609 -18.77 26.06 -34.54
CA ARG B 609 -17.62 25.68 -33.76
C ARG B 609 -16.90 24.52 -34.43
N PHE B 610 -15.58 24.49 -34.27
CA PHE B 610 -14.74 23.43 -34.79
C PHE B 610 -14.00 22.76 -33.64
N GLN B 611 -13.80 21.45 -33.75
CA GLN B 611 -13.16 20.65 -32.70
C GLN B 611 -11.95 19.93 -33.26
N PHE B 612 -11.01 19.62 -32.38
CA PHE B 612 -9.79 18.92 -32.73
C PHE B 612 -9.75 17.56 -32.06
N SER B 613 -9.10 16.60 -32.72
CA SER B 613 -8.99 15.22 -32.25
C SER B 613 -7.56 14.73 -32.36
N SER B 614 -6.62 15.53 -31.83
CA SER B 614 -5.17 15.32 -31.80
C SER B 614 -4.52 15.41 -33.16
N ALA B 615 -5.28 15.59 -34.23
CA ALA B 615 -4.75 15.83 -35.57
C ALA B 615 -5.15 17.22 -35.99
N LEU B 616 -4.16 18.02 -36.39
CA LEU B 616 -4.33 19.46 -36.67
C LEU B 616 -4.94 20.14 -35.44
N LYS B 617 -4.14 20.15 -34.38
CA LYS B 617 -4.58 20.61 -33.07
C LYS B 617 -4.81 22.11 -33.09
N ARG B 618 -6.07 22.51 -33.26
CA ARG B 618 -6.49 23.91 -33.27
C ARG B 618 -8.00 23.96 -33.12
N GLN B 619 -8.47 24.87 -32.29
CA GLN B 619 -9.90 25.08 -32.09
C GLN B 619 -10.29 26.37 -32.78
N SER B 620 -11.24 26.27 -33.71
CA SER B 620 -11.69 27.40 -34.52
C SER B 620 -13.17 27.66 -34.26
N SER B 621 -13.56 28.93 -34.35
CA SER B 621 -14.96 29.29 -34.16
C SER B 621 -15.25 30.60 -34.87
N VAL B 622 -16.52 30.79 -35.20
CA VAL B 622 -17.01 32.03 -35.79
C VAL B 622 -18.09 32.58 -34.87
N ALA B 623 -18.27 33.89 -34.91
CA ALA B 623 -19.20 34.54 -34.00
C ALA B 623 -19.57 35.92 -34.54
N THR B 624 -20.60 36.50 -33.92
CA THR B 624 -21.00 37.89 -34.13
C THR B 624 -20.64 38.65 -32.87
N ILE B 625 -19.84 39.71 -33.01
CA ILE B 625 -19.29 40.42 -31.88
C ILE B 625 -19.76 41.88 -31.91
N THR B 626 -20.04 42.41 -30.71
CA THR B 626 -20.31 43.82 -30.48
C THR B 626 -19.44 44.24 -29.30
N ALA B 627 -18.32 44.91 -29.58
CA ALA B 627 -17.37 45.34 -28.58
C ALA B 627 -17.35 46.87 -28.51
N THR B 628 -17.57 47.41 -27.32
CA THR B 628 -17.55 48.85 -27.07
C THR B 628 -16.34 49.13 -26.18
N GLU B 629 -15.22 49.47 -26.81
CA GLU B 629 -13.98 49.70 -26.08
C GLU B 629 -14.07 50.95 -25.21
N VAL B 630 -13.49 50.86 -24.02
CA VAL B 630 -13.51 51.98 -23.07
C VAL B 630 -12.18 52.73 -23.01
N LYS B 631 -11.08 52.11 -23.39
CA LYS B 631 -9.79 52.79 -23.36
C LYS B 631 -9.61 53.69 -24.57
N THR B 632 -9.62 53.11 -25.77
CA THR B 632 -9.48 53.89 -27.00
C THR B 632 -10.78 54.52 -27.45
N GLY B 633 -11.92 54.11 -26.89
CA GLY B 633 -13.19 54.68 -27.28
C GLY B 633 -13.68 54.30 -28.65
N ARG B 634 -13.21 53.18 -29.19
CA ARG B 634 -13.62 52.72 -30.51
C ARG B 634 -14.77 51.71 -30.39
N LYS B 635 -15.35 51.39 -31.54
CA LYS B 635 -16.48 50.47 -31.62
C LYS B 635 -16.19 49.41 -32.67
N LEU B 636 -16.41 48.15 -32.30
CA LEU B 636 -16.22 47.03 -33.22
C LEU B 636 -17.50 46.21 -33.26
N ARG B 637 -17.88 45.77 -34.46
CA ARG B 637 -19.10 44.98 -34.61
C ARG B 637 -18.99 44.12 -35.85
N GLY B 638 -19.75 43.04 -35.86
CA GLY B 638 -19.86 42.19 -37.03
C GLY B 638 -19.31 40.79 -36.84
N SER B 639 -19.06 40.14 -37.98
CA SER B 639 -18.54 38.78 -37.97
C SER B 639 -17.10 38.75 -37.48
N PHE B 640 -16.74 37.62 -36.88
CA PHE B 640 -15.43 37.46 -36.27
C PHE B 640 -15.07 35.99 -36.28
N VAL B 641 -13.79 35.68 -36.50
CA VAL B 641 -13.29 34.31 -36.51
C VAL B 641 -12.13 34.23 -35.54
N GLY B 642 -12.18 33.28 -34.62
CA GLY B 642 -11.13 33.11 -33.64
C GLY B 642 -10.61 31.68 -33.63
N VAL B 643 -9.28 31.55 -33.60
CA VAL B 643 -8.64 30.25 -33.55
C VAL B 643 -7.59 30.26 -32.44
N LYS B 644 -7.39 29.08 -31.85
CA LYS B 644 -6.39 28.90 -30.79
C LYS B 644 -5.75 27.54 -30.95
N GLY B 645 -4.43 27.50 -30.96
CA GLY B 645 -3.75 26.23 -31.17
C GLY B 645 -2.28 26.27 -30.81
N ALA B 646 -1.55 25.32 -31.39
CA ALA B 646 -0.11 25.21 -31.19
C ALA B 646 0.63 26.27 -31.98
N PRO B 647 1.78 26.74 -31.48
CA PRO B 647 2.54 27.78 -32.21
C PRO B 647 3.00 27.33 -33.59
N GLU B 648 3.31 26.04 -33.78
CA GLU B 648 3.79 25.58 -35.08
C GLU B 648 2.69 25.67 -36.14
N THR B 649 1.46 25.28 -35.80
CA THR B 649 0.36 25.35 -36.76
C THR B 649 0.04 26.80 -37.11
N ILE B 650 0.05 27.68 -36.12
CA ILE B 650 -0.22 29.09 -36.38
C ILE B 650 0.89 29.70 -37.23
N MET B 651 2.15 29.28 -36.99
CA MET B 651 3.26 29.70 -37.85
C MET B 651 3.04 29.22 -39.28
N LYS B 652 2.55 28.00 -39.45
CA LYS B 652 2.27 27.49 -40.79
C LYS B 652 1.17 28.28 -41.48
N MET B 653 0.15 28.69 -40.72
CA MET B 653 -0.99 29.41 -41.29
C MET B 653 -0.86 30.92 -41.17
N LEU B 654 0.29 31.43 -40.75
CA LEU B 654 0.49 32.87 -40.65
C LEU B 654 0.96 33.44 -41.98
N VAL B 655 0.59 34.70 -42.23
CA VAL B 655 1.01 35.40 -43.43
C VAL B 655 2.05 36.47 -43.13
N THR B 656 2.09 37.01 -41.91
CA THR B 656 3.07 38.02 -41.50
C THR B 656 3.71 37.54 -40.20
N VAL B 657 4.75 36.74 -40.33
CA VAL B 657 5.44 36.18 -39.16
C VAL B 657 6.31 37.27 -38.53
N PRO B 658 6.16 37.55 -37.24
CA PRO B 658 7.04 38.53 -36.60
C PRO B 658 8.48 38.06 -36.55
N GLU B 659 9.39 39.00 -36.32
CA GLU B 659 10.82 38.70 -36.34
C GLU B 659 11.23 37.81 -35.17
N HIS B 660 10.56 37.93 -34.02
CA HIS B 660 10.91 37.17 -32.83
C HIS B 660 9.80 36.19 -32.44
N TYR B 661 8.98 35.78 -33.40
CA TYR B 661 7.88 34.86 -33.11
C TYR B 661 8.41 33.48 -32.73
N GLU B 662 9.43 33.00 -33.43
CA GLU B 662 9.94 31.65 -33.19
C GLU B 662 10.65 31.54 -31.85
N GLU B 663 11.36 32.59 -31.43
CA GLU B 663 12.18 32.52 -30.24
C GLU B 663 11.46 32.93 -28.96
N THR B 664 10.33 33.65 -29.06
CA THR B 664 9.67 34.14 -27.86
C THR B 664 8.82 33.09 -27.16
N TYR B 665 8.52 31.96 -27.81
CA TYR B 665 7.75 30.91 -27.15
C TYR B 665 8.60 29.73 -26.71
N LYS B 666 9.80 29.57 -27.28
CA LYS B 666 10.69 28.51 -26.84
C LYS B 666 11.16 28.73 -25.40
N TYR B 667 11.42 29.99 -25.05
CA TYR B 667 11.83 30.31 -23.68
C TYR B 667 10.70 30.03 -22.70
N PHE B 668 9.46 30.31 -23.09
CA PHE B 668 8.32 30.06 -22.20
C PHE B 668 8.05 28.57 -22.05
N THR B 669 8.11 27.81 -23.15
CA THR B 669 7.85 26.38 -23.06
C THR B 669 9.01 25.62 -22.45
N ARG B 670 10.20 26.21 -22.41
CA ARG B 670 11.34 25.56 -21.77
C ARG B 670 11.26 25.63 -20.25
N ARG B 671 10.78 26.75 -19.72
CA ARG B 671 10.75 26.99 -18.28
C ARG B 671 9.44 26.50 -17.66
N GLY B 672 9.04 25.27 -17.99
CA GLY B 672 7.88 24.63 -17.41
C GLY B 672 6.57 25.37 -17.52
N SER B 673 6.01 25.48 -18.72
CA SER B 673 4.73 26.14 -18.93
C SER B 673 4.12 25.64 -20.22
N ARG B 674 2.83 25.89 -20.39
CA ARG B 674 2.11 25.53 -21.61
C ARG B 674 1.74 26.81 -22.33
N VAL B 675 2.21 26.96 -23.56
CA VAL B 675 2.02 28.18 -24.35
C VAL B 675 1.12 27.85 -25.54
N LEU B 676 0.09 28.68 -25.75
CA LEU B 676 -0.84 28.51 -26.85
C LEU B 676 -0.96 29.81 -27.64
N ALA B 677 -1.00 29.68 -28.96
CA ALA B 677 -1.09 30.83 -29.85
C ALA B 677 -2.55 31.08 -30.22
N LEU B 678 -2.90 32.37 -30.33
CA LEU B 678 -4.25 32.79 -30.66
C LEU B 678 -4.21 33.65 -31.92
N ALA B 679 -5.26 33.55 -32.73
CA ALA B 679 -5.34 34.31 -33.96
C ALA B 679 -6.78 34.69 -34.24
N TYR B 680 -6.94 35.78 -35.00
CA TYR B 680 -8.25 36.32 -35.30
C TYR B 680 -8.34 36.67 -36.78
N LYS B 681 -9.59 36.77 -37.26
CA LYS B 681 -9.85 37.11 -38.66
C LYS B 681 -11.16 37.87 -38.73
N GLN B 682 -11.12 39.04 -39.37
CA GLN B 682 -12.33 39.85 -39.57
C GLN B 682 -12.92 39.46 -40.92
N LEU B 683 -14.01 38.69 -40.89
CA LEU B 683 -14.64 38.23 -42.12
C LEU B 683 -15.38 39.37 -42.82
N THR B 684 -16.40 39.92 -42.16
CA THR B 684 -17.16 41.05 -42.69
C THR B 684 -17.13 42.17 -41.65
N THR B 685 -16.66 43.35 -42.06
CA THR B 685 -16.62 44.49 -41.15
C THR B 685 -18.02 45.01 -40.85
N GLU B 686 -18.87 45.09 -41.87
CA GLU B 686 -20.24 45.58 -41.73
C GLU B 686 -21.22 44.46 -42.07
N GLY B 687 -22.18 44.24 -41.18
CA GLY B 687 -23.18 43.22 -41.36
C GLY B 687 -22.72 41.84 -40.92
N GLU B 688 -23.65 40.89 -40.99
CA GLU B 688 -23.40 39.51 -40.60
C GLU B 688 -23.55 38.60 -41.81
N LEU B 689 -22.98 37.40 -41.69
CA LEU B 689 -23.03 36.43 -42.77
C LEU B 689 -24.46 35.95 -43.02
N GLY B 690 -25.22 35.74 -41.95
CA GLY B 690 -26.59 35.27 -42.06
C GLY B 690 -26.69 33.75 -42.04
N ALA B 691 -27.93 33.28 -41.95
CA ALA B 691 -28.19 31.86 -41.87
C ALA B 691 -27.92 31.19 -43.23
N ASN B 692 -27.67 29.87 -43.17
CA ASN B 692 -27.40 29.04 -44.34
C ASN B 692 -26.19 29.53 -45.12
N LYS B 693 -25.20 30.09 -44.42
CA LYS B 693 -23.99 30.59 -45.07
C LYS B 693 -22.72 30.03 -44.43
N ILE B 694 -22.71 29.84 -43.11
CA ILE B 694 -21.51 29.33 -42.45
C ILE B 694 -21.43 27.81 -42.57
N ASN B 695 -22.58 27.15 -42.80
CA ASN B 695 -22.61 25.69 -42.88
C ASN B 695 -21.83 25.17 -44.08
N ASP B 696 -21.86 25.90 -45.20
CA ASP B 696 -21.13 25.46 -46.39
C ASP B 696 -19.63 25.71 -46.29
N LEU B 697 -19.20 26.58 -45.37
CA LEU B 697 -17.78 26.85 -45.21
C LEU B 697 -17.06 25.65 -44.63
N LYS B 698 -15.86 25.38 -45.15
CA LYS B 698 -15.05 24.26 -44.71
C LYS B 698 -13.92 24.75 -43.80
N ARG B 699 -13.16 23.80 -43.25
CA ARG B 699 -12.07 24.16 -42.35
C ARG B 699 -10.92 24.82 -43.10
N GLU B 700 -10.67 24.43 -44.35
CA GLU B 700 -9.58 25.01 -45.11
C GLU B 700 -9.90 26.42 -45.58
N SER B 701 -11.20 26.73 -45.76
CA SER B 701 -11.57 28.03 -46.28
C SER B 701 -11.33 29.15 -45.27
N VAL B 702 -11.64 28.91 -44.00
CA VAL B 702 -11.49 29.94 -42.97
C VAL B 702 -10.05 30.19 -42.57
N GLU B 703 -9.12 29.32 -42.95
CA GLU B 703 -7.72 29.46 -42.60
C GLU B 703 -6.88 30.04 -43.74
N ALA B 704 -7.53 30.75 -44.67
CA ALA B 704 -6.79 31.34 -45.79
C ALA B 704 -5.88 32.46 -45.32
N ASP B 705 -6.39 33.35 -44.47
CA ASP B 705 -5.61 34.46 -43.94
C ASP B 705 -5.77 34.52 -42.43
N LEU B 706 -4.67 34.79 -41.73
CA LEU B 706 -4.66 34.83 -40.28
C LEU B 706 -3.75 35.95 -39.81
N HIS B 707 -3.94 36.35 -38.55
CA HIS B 707 -3.16 37.37 -37.88
C HIS B 707 -2.58 36.78 -36.60
N PHE B 708 -2.04 37.66 -35.75
CA PHE B 708 -1.51 37.25 -34.45
C PHE B 708 -2.14 38.10 -33.36
N ALA B 709 -2.56 37.44 -32.28
CA ALA B 709 -3.17 38.11 -31.13
C ALA B 709 -2.28 38.08 -29.90
N GLY B 710 -1.83 36.91 -29.48
CA GLY B 710 -0.97 36.81 -28.31
C GLY B 710 -0.63 35.37 -28.01
N PHE B 711 0.13 35.20 -26.93
CA PHE B 711 0.58 33.89 -26.46
C PHE B 711 0.03 33.69 -25.05
N LEU B 712 -1.00 32.86 -24.92
CA LEU B 712 -1.56 32.54 -23.62
C LEU B 712 -0.64 31.54 -22.93
N VAL B 713 -0.15 31.89 -21.74
CA VAL B 713 0.80 31.07 -21.00
C VAL B 713 0.11 30.55 -19.74
N LEU B 714 0.12 29.24 -19.57
CA LEU B 714 -0.45 28.59 -18.40
C LEU B 714 0.65 27.94 -17.58
N GLN B 715 0.58 28.14 -16.26
CA GLN B 715 1.58 27.60 -15.35
C GLN B 715 1.52 26.08 -15.33
N CYS B 716 2.69 25.47 -15.18
CA CYS B 716 2.77 24.01 -15.12
C CYS B 716 2.08 23.51 -13.86
N PRO B 717 1.12 22.60 -13.98
CA PRO B 717 0.45 22.09 -12.78
C PRO B 717 1.31 21.07 -12.07
N LEU B 718 1.92 21.49 -10.95
CA LEU B 718 2.81 20.62 -10.20
C LEU B 718 2.89 21.14 -8.78
N LYS B 719 2.88 20.23 -7.81
CA LYS B 719 3.04 20.62 -6.43
C LYS B 719 4.47 21.12 -6.20
N GLU B 720 4.60 22.06 -5.26
CA GLU B 720 5.92 22.63 -4.98
C GLU B 720 6.88 21.62 -4.36
N ASP B 721 6.37 20.55 -3.76
CA ASP B 721 7.20 19.53 -3.15
C ASP B 721 7.48 18.35 -4.06
N ALA B 722 6.94 18.35 -5.28
CA ALA B 722 7.09 17.19 -6.17
C ALA B 722 8.54 17.00 -6.60
N LYS B 723 9.16 18.07 -7.09
CA LYS B 723 10.54 17.96 -7.59
C LYS B 723 11.50 17.59 -6.47
N GLN B 724 11.33 18.22 -5.30
CA GLN B 724 12.22 17.94 -4.17
C GLN B 724 12.08 16.48 -3.69
N ALA B 725 10.85 16.00 -3.59
CA ALA B 725 10.64 14.63 -3.14
C ALA B 725 11.17 13.61 -4.14
N VAL B 726 10.94 13.85 -5.44
CA VAL B 726 11.44 12.92 -6.44
C VAL B 726 12.96 12.95 -6.49
N ARG B 727 13.56 14.12 -6.30
CA ARG B 727 15.02 14.21 -6.27
C ARG B 727 15.60 13.52 -5.06
N MET B 728 14.89 13.59 -3.91
CA MET B 728 15.36 12.90 -2.72
C MET B 728 15.24 11.39 -2.87
N LEU B 729 14.18 10.94 -3.55
CA LEU B 729 14.00 9.49 -3.75
C LEU B 729 14.98 8.95 -4.79
N ASN B 730 15.35 9.77 -5.77
CA ASN B 730 16.23 9.29 -6.84
C ASN B 730 17.64 8.99 -6.33
N GLU B 731 18.20 9.87 -5.51
CA GLU B 731 19.58 9.74 -5.05
C GLU B 731 19.70 9.02 -3.71
N SER B 732 18.72 8.18 -3.37
CA SER B 732 18.76 7.43 -2.12
C SER B 732 18.63 5.93 -2.38
N SER B 733 19.20 5.45 -3.48
CA SER B 733 19.17 4.05 -3.90
C SER B 733 17.75 3.53 -4.09
N HIS B 734 16.85 4.40 -4.55
CA HIS B 734 15.49 4.02 -4.92
C HIS B 734 15.27 4.34 -6.38
N ARG B 735 14.36 3.58 -7.01
CA ARG B 735 13.97 3.82 -8.39
C ARG B 735 12.54 4.33 -8.40
N VAL B 736 12.31 5.42 -9.12
CA VAL B 736 11.00 6.06 -9.19
C VAL B 736 10.43 5.86 -10.59
N VAL B 737 9.31 5.15 -10.67
CA VAL B 737 8.58 4.98 -11.91
C VAL B 737 7.24 5.70 -11.78
N MET B 738 6.57 5.89 -12.90
CA MET B 738 5.30 6.62 -12.90
C MET B 738 4.28 5.86 -13.74
N ILE B 739 3.10 5.62 -13.15
CA ILE B 739 2.01 4.91 -13.80
C ILE B 739 0.81 5.83 -13.82
N THR B 740 0.26 6.08 -15.01
CA THR B 740 -0.86 7.01 -15.14
C THR B 740 -1.78 6.56 -16.27
N GLY B 741 -3.02 7.04 -16.20
CA GLY B 741 -4.01 6.73 -17.21
C GLY B 741 -4.30 7.88 -18.15
N ASP B 742 -3.33 8.77 -18.33
CA ASP B 742 -3.48 9.93 -19.20
C ASP B 742 -2.78 9.68 -20.54
N ASN B 743 -2.75 10.71 -21.37
CA ASN B 743 -2.12 10.61 -22.68
C ASN B 743 -0.60 10.47 -22.53
N PRO B 744 0.06 9.82 -23.49
CA PRO B 744 1.52 9.67 -23.40
C PRO B 744 2.27 10.98 -23.44
N LEU B 745 1.78 11.98 -24.18
CA LEU B 745 2.50 13.25 -24.31
C LEU B 745 2.56 13.99 -22.98
N THR B 746 1.41 14.16 -22.32
CA THR B 746 1.37 14.84 -21.03
C THR B 746 2.13 14.07 -19.98
N ALA B 747 2.02 12.73 -19.99
CA ALA B 747 2.75 11.90 -19.04
C ALA B 747 4.25 12.05 -19.22
N VAL B 748 4.72 12.05 -20.46
CA VAL B 748 6.15 12.20 -20.72
C VAL B 748 6.63 13.59 -20.30
N HIS B 749 5.84 14.62 -20.58
CA HIS B 749 6.23 15.99 -20.20
C HIS B 749 6.33 16.14 -18.69
N VAL B 750 5.34 15.62 -17.96
CA VAL B 750 5.36 15.73 -16.50
C VAL B 750 6.50 14.89 -15.92
N ALA B 751 6.74 13.70 -16.48
CA ALA B 751 7.83 12.87 -15.99
C ALA B 751 9.19 13.49 -16.26
N LYS B 752 9.33 14.22 -17.36
CA LYS B 752 10.59 14.88 -17.64
C LYS B 752 10.77 16.11 -16.76
N GLU B 753 9.67 16.79 -16.39
CA GLU B 753 9.79 17.98 -15.55
C GLU B 753 10.24 17.66 -14.14
N VAL B 754 9.85 16.50 -13.61
CA VAL B 754 10.21 16.14 -12.23
C VAL B 754 11.47 15.27 -12.23
N GLU B 755 12.17 15.24 -13.37
CA GLU B 755 13.44 14.52 -13.53
C GLU B 755 13.32 13.02 -13.27
N ILE B 756 12.17 12.43 -13.61
CA ILE B 756 12.07 10.98 -13.55
C ILE B 756 12.90 10.35 -14.66
N VAL B 757 12.81 10.89 -15.88
CA VAL B 757 13.58 10.43 -17.03
C VAL B 757 14.28 11.63 -17.65
N ASP B 758 15.60 11.50 -17.86
CA ASP B 758 16.39 12.55 -18.50
C ASP B 758 17.24 11.92 -19.60
N ARG B 759 16.63 11.73 -20.77
CA ARG B 759 17.26 11.15 -21.95
C ARG B 759 16.26 11.24 -23.08
N ASP B 760 16.63 10.70 -24.24
CA ASP B 760 15.67 10.58 -25.34
C ASP B 760 14.58 9.59 -24.95
N VAL B 761 13.34 9.95 -25.23
CA VAL B 761 12.18 9.16 -24.82
C VAL B 761 11.52 8.57 -26.05
N LEU B 762 11.31 7.26 -26.04
CA LEU B 762 10.63 6.55 -27.11
C LEU B 762 9.34 5.95 -26.56
N ILE B 763 8.23 6.16 -27.26
CA ILE B 763 6.92 5.70 -26.85
C ILE B 763 6.54 4.52 -27.73
N LEU B 764 6.36 3.35 -27.12
CA LEU B 764 5.92 2.16 -27.83
C LEU B 764 4.40 2.15 -27.82
N ASP B 765 3.79 2.33 -29.00
CA ASP B 765 2.35 2.49 -29.06
C ASP B 765 1.87 2.22 -30.48
N ALA B 766 0.56 2.34 -30.67
CA ALA B 766 -0.03 2.22 -32.00
C ALA B 766 0.35 3.44 -32.84
N PRO B 767 0.35 3.30 -34.17
CA PRO B 767 0.66 4.46 -35.03
C PRO B 767 -0.37 5.56 -34.86
N GLU B 768 0.09 6.80 -35.01
CA GLU B 768 -0.80 7.95 -34.82
C GLU B 768 -1.77 8.13 -35.98
N HIS B 769 -1.58 7.38 -37.07
CA HIS B 769 -2.50 7.42 -38.20
C HIS B 769 -3.85 6.84 -37.80
N SER B 770 -3.84 5.89 -36.86
CA SER B 770 -5.04 5.29 -36.28
C SER B 770 -5.91 4.63 -37.37
N VAL B 771 -5.35 3.60 -38.00
CA VAL B 771 -6.06 2.90 -39.05
C VAL B 771 -7.26 2.13 -38.47
N TYR B 772 -7.17 1.73 -37.20
CA TYR B 772 -8.23 1.08 -36.44
C TYR B 772 -8.69 -0.27 -37.02
N GLY B 773 -8.02 -0.75 -38.07
CA GLY B 773 -8.41 -2.02 -38.66
C GLY B 773 -7.37 -3.10 -38.44
N GLU B 774 -6.10 -2.72 -38.45
CA GLU B 774 -4.99 -3.65 -38.26
C GLU B 774 -4.22 -3.28 -37.01
N GLU B 775 -3.58 -4.28 -36.41
CA GLU B 775 -2.77 -4.10 -35.22
C GLU B 775 -1.30 -3.89 -35.60
N SER B 776 -0.67 -2.93 -34.93
CA SER B 776 0.72 -2.61 -35.21
C SER B 776 1.31 -1.91 -34.00
N LEU B 777 2.60 -2.14 -33.77
CA LEU B 777 3.34 -1.52 -32.68
C LEU B 777 4.53 -0.77 -33.26
N VAL B 778 4.65 0.51 -32.91
CA VAL B 778 5.74 1.35 -33.42
C VAL B 778 6.40 2.08 -32.25
N TRP B 779 7.64 2.48 -32.49
CA TRP B 779 8.45 3.24 -31.53
C TRP B 779 8.41 4.71 -31.94
N ARG B 780 7.34 5.39 -31.56
CA ARG B 780 7.22 6.81 -31.86
C ARG B 780 8.13 7.61 -30.94
N SER B 781 8.28 8.89 -31.27
CA SER B 781 9.02 9.83 -30.45
C SER B 781 8.15 11.04 -30.15
N VAL B 782 8.67 11.95 -29.31
CA VAL B 782 7.95 13.17 -29.00
C VAL B 782 7.81 14.03 -30.25
N ASP B 783 8.82 14.02 -31.11
CA ASP B 783 8.75 14.61 -32.44
C ASP B 783 8.72 13.48 -33.47
N ASP B 784 7.81 13.58 -34.43
CA ASP B 784 7.60 12.49 -35.37
C ASP B 784 8.72 12.40 -36.40
N LYS B 785 9.93 12.03 -35.94
CA LYS B 785 11.07 11.83 -36.81
C LYS B 785 11.59 10.40 -36.81
N ILE B 786 11.36 9.64 -35.73
CA ILE B 786 11.81 8.26 -35.62
C ILE B 786 10.57 7.38 -35.58
N ARG B 787 10.51 6.40 -36.47
CA ARG B 787 9.35 5.51 -36.56
C ARG B 787 9.82 4.16 -37.10
N ILE B 788 9.97 3.19 -36.21
CA ILE B 788 10.37 1.85 -36.59
C ILE B 788 9.24 0.88 -36.21
N ASP B 789 9.29 -0.31 -36.79
CA ASP B 789 8.26 -1.32 -36.61
C ASP B 789 8.78 -2.45 -35.73
N VAL B 790 7.97 -2.85 -34.75
CA VAL B 790 8.33 -3.91 -33.81
C VAL B 790 7.15 -4.87 -33.69
N ASP B 791 7.47 -6.16 -33.64
CA ASP B 791 6.47 -7.21 -33.46
C ASP B 791 6.60 -7.80 -32.06
N PRO B 792 5.47 -8.18 -31.44
CA PRO B 792 5.51 -8.62 -30.04
C PRO B 792 6.07 -10.01 -29.80
N THR B 793 6.29 -10.82 -30.83
CA THR B 793 6.73 -12.19 -30.63
C THR B 793 8.25 -12.35 -30.67
N LYS B 794 8.99 -11.27 -30.81
CA LYS B 794 10.45 -11.27 -30.87
C LYS B 794 11.03 -10.44 -29.73
N PRO B 795 12.31 -10.64 -29.40
CA PRO B 795 12.95 -9.76 -28.41
C PRO B 795 12.95 -8.31 -28.85
N ILE B 796 12.97 -7.41 -27.88
CA ILE B 796 12.77 -5.99 -28.11
C ILE B 796 13.90 -5.42 -28.96
N ASP B 797 15.10 -5.37 -28.39
CA ASP B 797 16.31 -4.91 -29.07
C ASP B 797 17.50 -5.08 -28.12
N PRO B 798 18.70 -5.35 -28.64
CA PRO B 798 19.89 -5.31 -27.79
C PRO B 798 20.49 -3.92 -27.64
N GLU B 799 19.95 -2.92 -28.34
CA GLU B 799 20.50 -1.57 -28.33
C GLU B 799 19.53 -0.51 -27.83
N ILE B 800 18.22 -0.70 -28.02
CA ILE B 800 17.25 0.30 -27.58
C ILE B 800 17.25 0.41 -26.06
N LEU B 801 17.38 -0.73 -25.37
CA LEU B 801 17.39 -0.73 -23.91
C LEU B 801 18.63 -0.08 -23.31
N LYS B 802 19.66 0.20 -24.11
CA LYS B 802 20.91 0.76 -23.61
C LYS B 802 21.09 2.24 -23.91
N THR B 803 20.58 2.74 -25.03
CA THR B 803 20.81 4.12 -25.44
C THR B 803 19.67 5.06 -25.04
N LYS B 804 18.44 4.72 -25.36
CA LYS B 804 17.29 5.60 -25.12
C LYS B 804 16.35 4.97 -24.11
N ASP B 805 15.70 5.83 -23.32
CA ASP B 805 14.75 5.35 -22.33
C ASP B 805 13.44 4.94 -23.01
N LEU B 806 12.54 4.36 -22.22
CA LEU B 806 11.33 3.75 -22.74
C LEU B 806 10.10 4.31 -22.07
N CYS B 807 8.98 4.29 -22.80
CA CYS B 807 7.68 4.71 -22.27
C CYS B 807 6.64 3.80 -22.92
N VAL B 808 6.25 2.74 -22.22
CA VAL B 808 5.37 1.72 -22.77
C VAL B 808 3.92 2.07 -22.40
N THR B 809 3.07 2.17 -23.41
CA THR B 809 1.66 2.47 -23.20
C THR B 809 0.91 1.23 -22.73
N GLY B 810 -0.34 1.45 -22.28
CA GLY B 810 -1.14 0.35 -21.79
C GLY B 810 -1.88 -0.42 -22.87
N TYR B 811 -2.08 0.18 -24.05
CA TYR B 811 -2.74 -0.54 -25.13
C TYR B 811 -1.87 -1.68 -25.63
N ALA B 812 -0.56 -1.47 -25.73
CA ALA B 812 0.36 -2.48 -26.22
C ALA B 812 0.93 -3.34 -25.12
N LEU B 813 0.51 -3.15 -23.87
CA LEU B 813 0.96 -4.01 -22.80
C LEU B 813 0.34 -5.39 -22.90
N ASN B 814 -0.92 -5.47 -23.34
CA ASN B 814 -1.57 -6.77 -23.47
C ASN B 814 -1.03 -7.56 -24.65
N LYS B 815 -0.54 -6.89 -25.68
CA LYS B 815 0.04 -7.59 -26.82
C LYS B 815 1.38 -8.23 -26.47
N PHE B 816 2.04 -7.76 -25.41
CA PHE B 816 3.29 -8.31 -24.95
C PHE B 816 3.12 -9.23 -23.75
N LYS B 817 1.89 -9.63 -23.43
CA LYS B 817 1.63 -10.47 -22.29
C LYS B 817 1.88 -11.93 -22.66
N GLY B 818 2.79 -12.58 -21.92
CA GLY B 818 3.10 -13.98 -22.13
C GLY B 818 4.24 -14.25 -23.08
N GLN B 819 4.71 -13.24 -23.81
CA GLN B 819 5.82 -13.42 -24.74
C GLN B 819 7.13 -13.29 -23.99
N VAL B 820 8.25 -13.33 -24.72
CA VAL B 820 9.56 -13.26 -24.08
C VAL B 820 9.95 -11.82 -23.75
N GLY B 821 9.27 -10.83 -24.33
CA GLY B 821 9.64 -9.44 -24.08
C GLY B 821 8.99 -8.85 -22.84
N TRP B 822 8.21 -9.63 -22.11
CA TRP B 822 7.52 -9.10 -20.93
C TRP B 822 8.51 -8.73 -19.83
N LYS B 823 9.52 -9.58 -19.59
CA LYS B 823 10.46 -9.30 -18.51
C LYS B 823 11.44 -8.21 -18.91
N SER B 824 11.65 -8.01 -20.21
CA SER B 824 12.54 -6.93 -20.66
C SER B 824 11.86 -5.58 -20.54
N LEU B 825 10.53 -5.56 -20.61
CA LEU B 825 9.76 -4.32 -20.51
C LEU B 825 9.35 -3.99 -19.09
N LEU B 826 9.75 -4.78 -18.11
CA LEU B 826 9.49 -4.47 -16.71
C LEU B 826 10.74 -4.02 -15.98
N ARG B 827 11.83 -3.80 -16.70
CA ARG B 827 13.11 -3.41 -16.12
C ARG B 827 13.66 -2.12 -16.70
N TYR B 828 13.50 -1.89 -18.01
CA TYR B 828 14.05 -0.72 -18.68
C TYR B 828 13.00 0.35 -18.98
N THR B 829 11.84 0.28 -18.35
CA THR B 829 10.79 1.27 -18.54
C THR B 829 10.48 1.97 -17.23
N TRP B 830 10.33 3.29 -17.28
CA TRP B 830 9.99 4.08 -16.11
C TRP B 830 8.65 4.79 -16.20
N VAL B 831 8.07 4.95 -17.39
CA VAL B 831 6.82 5.67 -17.57
C VAL B 831 5.82 4.76 -18.28
N TYR B 832 4.64 4.61 -17.68
CA TYR B 832 3.53 3.90 -18.29
C TYR B 832 2.37 4.87 -18.47
N ALA B 833 1.76 4.85 -19.65
CA ALA B 833 0.67 5.78 -19.96
C ALA B 833 -0.53 5.03 -20.50
N ARG B 834 -1.73 5.54 -20.14
CA ARG B 834 -3.01 5.01 -20.60
C ARG B 834 -3.18 3.53 -20.23
N VAL B 835 -3.21 3.26 -18.93
CA VAL B 835 -3.34 1.92 -18.41
C VAL B 835 -4.69 1.77 -17.72
N SER B 836 -5.33 0.62 -17.93
CA SER B 836 -6.60 0.32 -17.30
C SER B 836 -6.40 0.06 -15.81
N PRO B 837 -7.46 0.16 -15.00
CA PRO B 837 -7.33 -0.15 -13.56
C PRO B 837 -6.87 -1.57 -13.29
N LYS B 838 -7.18 -2.52 -14.16
CA LYS B 838 -6.69 -3.88 -13.98
C LYS B 838 -5.22 -3.99 -14.35
N GLN B 839 -4.78 -3.24 -15.37
CA GLN B 839 -3.39 -3.27 -15.78
C GLN B 839 -2.47 -2.57 -14.79
N LYS B 840 -3.02 -1.74 -13.91
CA LYS B 840 -2.20 -1.05 -12.92
C LYS B 840 -1.66 -1.98 -11.85
N GLU B 841 -2.26 -3.16 -11.68
CA GLU B 841 -1.77 -4.13 -10.71
C GLU B 841 -0.96 -5.24 -11.33
N ASP B 842 -1.08 -5.46 -12.66
CA ASP B 842 -0.25 -6.45 -13.32
C ASP B 842 1.23 -6.06 -13.29
N ILE B 843 1.51 -4.77 -13.47
CA ILE B 843 2.89 -4.28 -13.41
C ILE B 843 3.47 -4.49 -12.02
N LEU B 844 2.69 -4.17 -10.98
CA LEU B 844 3.18 -4.35 -9.61
C LEU B 844 3.35 -5.82 -9.27
N LEU B 845 2.45 -6.68 -9.75
CA LEU B 845 2.61 -8.11 -9.53
C LEU B 845 3.85 -8.65 -10.23
N GLY B 846 4.12 -8.19 -11.45
CA GLY B 846 5.33 -8.62 -12.13
C GLY B 846 6.59 -8.14 -11.44
N LEU B 847 6.59 -6.90 -10.94
CA LEU B 847 7.74 -6.39 -10.21
C LEU B 847 7.94 -7.14 -8.90
N LYS B 848 6.84 -7.50 -8.23
CA LYS B 848 6.95 -8.26 -6.99
C LYS B 848 7.46 -9.67 -7.25
N ASP B 849 7.01 -10.32 -8.32
CA ASP B 849 7.47 -11.66 -8.64
C ASP B 849 8.90 -11.66 -9.17
N MET B 850 9.37 -10.53 -9.71
CA MET B 850 10.75 -10.47 -10.18
C MET B 850 11.74 -10.53 -9.02
N GLY B 851 11.40 -9.93 -7.88
CA GLY B 851 12.25 -9.99 -6.72
C GLY B 851 12.45 -8.67 -5.99
N TYR B 852 11.73 -7.64 -6.40
CA TYR B 852 11.85 -6.31 -5.82
C TYR B 852 10.68 -6.00 -4.91
N TYR B 853 10.89 -5.06 -4.00
CA TYR B 853 9.84 -4.52 -3.14
C TYR B 853 9.30 -3.24 -3.75
N THR B 854 8.00 -3.00 -3.59
CA THR B 854 7.35 -1.91 -4.28
C THR B 854 6.52 -1.06 -3.33
N LEU B 855 6.50 0.24 -3.62
CA LEU B 855 5.66 1.23 -2.95
C LEU B 855 4.85 1.95 -4.01
N MET B 856 3.63 2.36 -3.67
CA MET B 856 2.81 3.11 -4.62
C MET B 856 1.97 4.14 -3.89
N ALA B 857 1.98 5.36 -4.40
CA ALA B 857 1.20 6.46 -3.85
C ALA B 857 0.17 6.91 -4.89
N GLY B 858 -1.10 6.96 -4.48
CA GLY B 858 -2.16 7.37 -5.37
C GLY B 858 -3.32 7.92 -4.59
N ASP B 859 -4.31 8.46 -5.32
CA ASP B 859 -5.48 9.05 -4.71
C ASP B 859 -6.81 8.64 -5.32
N GLY B 860 -6.83 8.16 -6.56
CA GLY B 860 -8.07 7.85 -7.23
C GLY B 860 -8.62 6.48 -6.88
N THR B 861 -9.63 6.07 -7.65
CA THR B 861 -10.28 4.78 -7.47
C THR B 861 -9.73 3.72 -8.40
N ASN B 862 -9.08 4.11 -9.50
CA ASN B 862 -8.57 3.13 -10.46
C ASN B 862 -7.37 2.37 -9.94
N ASP B 863 -6.59 2.97 -9.04
CA ASP B 863 -5.38 2.35 -8.50
C ASP B 863 -5.64 1.64 -7.17
N VAL B 864 -6.86 1.13 -6.96
CA VAL B 864 -7.16 0.41 -5.74
C VAL B 864 -6.43 -0.93 -5.71
N GLY B 865 -6.47 -1.67 -6.82
CA GLY B 865 -5.79 -2.96 -6.87
C GLY B 865 -4.29 -2.83 -6.75
N ALA B 866 -3.72 -1.80 -7.39
CA ALA B 866 -2.29 -1.55 -7.26
C ALA B 866 -1.92 -1.17 -5.84
N LEU B 867 -2.76 -0.39 -5.17
CA LEU B 867 -2.51 -0.04 -3.78
C LEU B 867 -2.57 -1.28 -2.88
N LYS B 868 -3.47 -2.21 -3.20
CA LYS B 868 -3.60 -3.42 -2.40
C LYS B 868 -2.43 -4.38 -2.60
N GLN B 869 -2.01 -4.56 -3.85
CA GLN B 869 -0.97 -5.57 -4.14
C GLN B 869 0.44 -5.09 -3.82
N ALA B 870 0.66 -3.79 -3.63
CA ALA B 870 1.98 -3.32 -3.27
C ALA B 870 2.30 -3.64 -1.82
N HIS B 871 3.60 -3.70 -1.51
CA HIS B 871 4.02 -4.00 -0.14
C HIS B 871 3.59 -2.90 0.83
N VAL B 872 3.74 -1.64 0.43
CA VAL B 872 3.30 -0.51 1.23
C VAL B 872 2.64 0.50 0.28
N GLY B 873 1.47 0.99 0.66
CA GLY B 873 0.74 1.94 -0.17
C GLY B 873 0.30 3.14 0.63
N VAL B 874 0.43 4.32 0.00
CA VAL B 874 0.05 5.59 0.62
C VAL B 874 -1.07 6.20 -0.20
N ALA B 875 -2.08 6.74 0.48
CA ALA B 875 -3.23 7.36 -0.16
C ALA B 875 -3.24 8.84 0.21
N LEU B 876 -2.74 9.69 -0.69
CA LEU B 876 -2.70 11.12 -0.43
C LEU B 876 -4.07 11.73 -0.64
N LEU B 877 -4.55 12.46 0.38
CA LEU B 877 -5.83 13.14 0.32
C LEU B 877 -5.60 14.55 -0.25
N ASN B 878 -6.62 15.40 -0.15
CA ASN B 878 -6.54 16.76 -0.67
C ASN B 878 -6.70 17.81 0.43
N GLY B 879 -6.44 17.44 1.68
CA GLY B 879 -6.57 18.39 2.77
C GLY B 879 -5.36 19.31 2.90
N THR B 880 -5.50 20.28 3.78
CA THR B 880 -4.44 21.23 4.07
C THR B 880 -4.36 21.44 5.58
N GLN B 881 -3.32 22.15 6.02
CA GLN B 881 -3.12 22.38 7.44
C GLN B 881 -4.23 23.22 8.04
N GLU B 882 -4.68 24.25 7.31
CA GLU B 882 -5.73 25.12 7.82
C GLU B 882 -7.05 24.37 7.99
N ASP B 883 -7.38 23.49 7.03
CA ASP B 883 -8.61 22.70 7.15
C ASP B 883 -8.54 21.75 8.34
N LEU B 884 -7.37 21.13 8.56
CA LEU B 884 -7.21 20.26 9.71
C LEU B 884 -7.36 21.04 11.02
N ASN B 885 -6.79 22.24 11.07
CA ASN B 885 -6.93 23.07 12.27
C ASN B 885 -8.38 23.47 12.50
N ARG B 886 -9.10 23.81 11.44
CA ARG B 886 -10.52 24.17 11.58
C ARG B 886 -11.34 22.97 12.06
N ILE B 887 -11.06 21.78 11.53
CA ILE B 887 -11.77 20.59 11.98
C ILE B 887 -11.49 20.31 13.45
N ALA B 888 -10.22 20.43 13.85
CA ALA B 888 -9.85 20.20 15.25
C ALA B 888 -10.51 21.20 16.18
N GLU B 889 -10.54 22.48 15.79
CA GLU B 889 -11.16 23.49 16.66
C GLU B 889 -12.67 23.33 16.69
N HIS B 890 -13.28 22.88 15.59
CA HIS B 890 -14.72 22.61 15.61
C HIS B 890 -15.05 21.45 16.54
N THR B 891 -14.22 20.39 16.51
CA THR B 891 -14.41 19.27 17.42
C THR B 891 -14.23 19.71 18.87
N ARG B 892 -13.23 20.57 19.13
CA ARG B 892 -13.00 21.07 20.48
C ARG B 892 -14.16 21.91 20.97
N ASN B 893 -14.72 22.76 20.09
CA ASN B 893 -15.89 23.55 20.47
C ASN B 893 -17.12 22.67 20.68
N GLN B 894 -17.24 21.59 19.92
CA GLN B 894 -18.33 20.65 20.15
C GLN B 894 -18.18 19.93 21.48
N LYS B 895 -16.94 19.66 21.89
CA LYS B 895 -16.70 19.01 23.19
C LYS B 895 -17.17 19.88 24.34
N MET B 896 -16.96 21.18 24.26
CA MET B 896 -17.38 22.10 25.31
C MET B 896 -18.89 22.27 25.31
N PRO B 1008 -16.01 22.52 7.75
CA PRO B 1008 -15.32 21.87 6.63
C PRO B 1008 -15.06 20.38 6.89
N THR B 1009 -14.77 19.63 5.84
CA THR B 1009 -14.51 18.20 5.96
C THR B 1009 -13.63 17.75 4.81
N LEU B 1010 -13.07 16.55 4.96
CA LEU B 1010 -12.19 15.95 3.97
C LEU B 1010 -12.90 14.79 3.29
N LYS B 1011 -12.75 14.71 1.97
CA LYS B 1011 -13.36 13.62 1.19
C LYS B 1011 -12.47 12.39 1.32
N LEU B 1012 -12.97 11.37 2.02
CA LEU B 1012 -12.19 10.16 2.24
C LEU B 1012 -11.95 9.40 0.94
N GLY B 1013 -12.98 9.29 0.11
CA GLY B 1013 -12.81 8.60 -1.16
C GLY B 1013 -12.70 7.09 -0.98
N ASP B 1014 -12.15 6.44 -2.02
CA ASP B 1014 -11.99 5.00 -2.02
C ASP B 1014 -10.55 4.54 -1.92
N ALA B 1015 -9.58 5.41 -2.21
CA ALA B 1015 -8.18 5.02 -2.12
C ALA B 1015 -7.75 4.79 -0.68
N SER B 1016 -8.28 5.58 0.25
CA SER B 1016 -7.91 5.43 1.65
C SER B 1016 -8.43 4.14 2.26
N VAL B 1017 -9.47 3.53 1.67
CA VAL B 1017 -9.99 2.28 2.18
C VAL B 1017 -9.01 1.14 1.90
N ALA B 1018 -8.47 1.08 0.70
CA ALA B 1018 -7.59 0.00 0.28
C ALA B 1018 -6.12 0.24 0.61
N ALA B 1019 -5.76 1.42 1.07
CA ALA B 1019 -4.36 1.68 1.36
C ALA B 1019 -4.08 1.51 2.84
N PRO B 1020 -3.04 0.75 3.22
CA PRO B 1020 -2.71 0.62 4.64
C PRO B 1020 -2.35 1.93 5.31
N PHE B 1021 -1.71 2.86 4.59
CA PHE B 1021 -1.38 4.17 5.09
C PHE B 1021 -2.31 5.22 4.51
N THR B 1022 -2.42 6.35 5.18
CA THR B 1022 -3.27 7.43 4.71
C THR B 1022 -2.69 8.75 5.19
N SER B 1023 -2.26 9.58 4.25
CA SER B 1023 -1.74 10.91 4.57
C SER B 1023 -2.85 11.92 4.37
N LYS B 1024 -3.15 12.68 5.42
CA LYS B 1024 -4.24 13.65 5.38
C LYS B 1024 -3.84 14.98 4.78
N LEU B 1025 -2.59 15.15 4.38
CA LEU B 1025 -2.11 16.39 3.80
C LEU B 1025 -1.71 16.16 2.34
N ARG B 1026 -1.89 17.21 1.53
CA ARG B 1026 -1.62 17.13 0.10
C ARG B 1026 -0.14 17.10 -0.23
N ASN B 1027 0.74 17.34 0.74
CA ASN B 1027 2.17 17.39 0.47
C ASN B 1027 2.68 16.02 0.06
N VAL B 1028 3.41 15.96 -1.06
CA VAL B 1028 4.02 14.71 -1.49
C VAL B 1028 5.27 14.38 -0.69
N MET B 1029 5.77 15.32 0.11
CA MET B 1029 6.90 15.06 0.98
C MET B 1029 6.58 14.05 2.08
N ALA B 1030 5.31 13.71 2.25
CA ALA B 1030 4.92 12.61 3.12
C ALA B 1030 5.37 11.25 2.60
N ILE B 1031 5.77 11.17 1.33
CA ILE B 1031 6.25 9.90 0.79
C ILE B 1031 7.69 9.62 1.23
N PRO B 1032 8.65 10.56 1.13
CA PRO B 1032 9.97 10.26 1.72
C PRO B 1032 9.96 10.12 3.23
N ASN B 1033 9.11 10.88 3.92
CA ASN B 1033 9.10 10.87 5.39
C ASN B 1033 8.78 9.49 5.93
N ILE B 1034 7.80 8.80 5.31
CA ILE B 1034 7.49 7.43 5.70
C ILE B 1034 8.72 6.55 5.56
N LEU B 1035 9.47 6.72 4.46
CA LEU B 1035 10.71 5.97 4.30
C LEU B 1035 11.70 6.30 5.41
N ARG B 1036 11.76 7.57 5.81
CA ARG B 1036 12.63 7.96 6.92
C ARG B 1036 12.21 7.29 8.22
N GLN B 1037 10.92 6.96 8.35
CA GLN B 1037 10.44 6.25 9.53
C GLN B 1037 10.39 4.75 9.32
N GLY B 1038 10.84 4.26 8.17
CA GLY B 1038 10.86 2.84 7.95
C GLY B 1038 12.17 2.21 8.39
N ARG B 1039 13.28 2.82 7.96
CA ARG B 1039 14.59 2.27 8.23
C ARG B 1039 14.87 2.20 9.73
N CYS B 1040 14.47 3.23 10.47
CA CYS B 1040 14.65 3.22 11.93
C CYS B 1040 13.88 2.06 12.56
N THR B 1041 12.73 1.70 11.99
CA THR B 1041 12.03 0.53 12.48
C THR B 1041 12.68 -0.75 11.96
N LEU B 1042 13.23 -0.70 10.74
CA LEU B 1042 13.86 -1.90 10.19
C LEU B 1042 15.18 -2.21 10.87
N VAL B 1043 15.98 -1.18 11.14
CA VAL B 1043 17.28 -1.41 11.79
C VAL B 1043 17.08 -1.92 13.21
N ALA B 1044 16.26 -1.21 14.00
CA ALA B 1044 16.10 -1.52 15.42
C ALA B 1044 15.64 -2.95 15.63
N THR B 1045 14.57 -3.35 14.91
CA THR B 1045 14.08 -4.73 14.98
C THR B 1045 15.21 -5.72 14.71
N ILE B 1046 15.99 -5.48 13.65
CA ILE B 1046 17.10 -6.36 13.32
C ILE B 1046 18.07 -6.45 14.48
N GLN B 1047 18.44 -5.30 15.04
CA GLN B 1047 19.34 -5.27 16.18
C GLN B 1047 18.78 -6.07 17.33
N MET B 1048 17.48 -5.90 17.59
CA MET B 1048 16.80 -6.64 18.65
C MET B 1048 17.05 -8.13 18.51
N TYR B 1049 16.81 -8.66 17.30
CA TYR B 1049 16.99 -10.08 17.04
C TYR B 1049 18.39 -10.51 17.45
N LYS B 1050 19.40 -9.80 16.94
CA LYS B 1050 20.79 -10.17 17.21
C LYS B 1050 21.05 -10.16 18.71
N ILE B 1051 20.63 -9.08 19.38
CA ILE B 1051 20.92 -8.96 20.80
C ILE B 1051 20.21 -10.05 21.56
N LEU B 1052 18.96 -10.33 21.19
CA LEU B 1052 18.21 -11.36 21.88
C LEU B 1052 18.91 -12.70 21.75
N ALA B 1053 19.43 -12.99 20.55
CA ALA B 1053 20.12 -14.25 20.32
C ALA B 1053 21.29 -14.40 21.27
N LEU B 1054 22.05 -13.32 21.46
CA LEU B 1054 23.19 -13.38 22.36
C LEU B 1054 22.73 -13.68 23.78
N ASN B 1055 21.68 -13.01 24.24
CA ASN B 1055 21.21 -13.27 25.58
C ASN B 1055 20.45 -14.58 25.69
N CYS B 1056 20.16 -15.22 24.57
CA CYS B 1056 19.59 -16.56 24.59
C CYS B 1056 20.65 -17.62 24.43
N LEU B 1057 21.93 -17.24 24.36
CA LEU B 1057 23.02 -18.20 24.31
C LEU B 1057 23.90 -18.17 25.54
N ILE B 1058 24.08 -17.00 26.17
CA ILE B 1058 24.83 -16.93 27.41
C ILE B 1058 24.04 -17.59 28.55
N SER B 1059 22.73 -17.30 28.62
CA SER B 1059 21.90 -17.88 29.67
C SER B 1059 21.84 -19.40 29.56
N ALA B 1060 21.78 -19.93 28.33
CA ALA B 1060 21.84 -21.37 28.15
C ALA B 1060 23.16 -21.95 28.63
N TYR B 1061 24.23 -21.16 28.59
CA TYR B 1061 25.50 -21.57 29.18
C TYR B 1061 25.57 -21.26 30.66
N SER B 1062 24.72 -20.36 31.16
CA SER B 1062 24.70 -20.02 32.58
C SER B 1062 23.73 -20.87 33.37
N LEU B 1063 23.04 -21.80 32.71
CA LEU B 1063 22.10 -22.70 33.38
C LEU B 1063 22.39 -24.16 33.14
N SER B 1064 23.44 -24.49 32.39
CA SER B 1064 23.76 -25.88 32.07
C SER B 1064 25.15 -26.29 32.51
N VAL B 1065 26.14 -25.40 32.45
CA VAL B 1065 27.49 -25.68 32.89
C VAL B 1065 27.82 -24.91 34.17
N LEU B 1066 27.48 -23.63 34.22
CA LEU B 1066 27.75 -22.84 35.41
C LEU B 1066 26.81 -23.20 36.55
N TYR B 1067 25.59 -23.62 36.23
CA TYR B 1067 24.64 -23.99 37.27
C TYR B 1067 25.08 -25.23 38.03
N LEU B 1068 25.69 -26.19 37.31
CA LEU B 1068 26.14 -27.43 37.95
C LEU B 1068 27.31 -27.20 38.89
N GLU B 1069 28.00 -26.07 38.77
CA GLU B 1069 29.08 -25.75 39.70
C GLU B 1069 28.48 -25.06 40.93
N GLY B 1070 29.35 -24.52 41.78
CA GLY B 1070 28.88 -23.85 42.97
C GLY B 1070 28.68 -22.36 42.77
N ILE B 1071 28.58 -21.94 41.52
CA ILE B 1071 28.45 -20.51 41.19
C ILE B 1071 26.99 -20.11 41.42
N LYS B 1072 26.76 -19.29 42.45
CA LYS B 1072 25.45 -18.76 42.76
C LYS B 1072 25.61 -17.29 43.14
N PHE B 1073 24.86 -16.42 42.47
CA PHE B 1073 24.97 -14.99 42.74
C PHE B 1073 24.10 -14.60 43.93
N GLY B 1074 24.43 -13.45 44.52
CA GLY B 1074 23.66 -12.93 45.63
C GLY B 1074 22.32 -12.38 45.18
N ASP B 1075 21.46 -12.14 46.17
CA ASP B 1075 20.12 -11.63 45.87
C ASP B 1075 20.15 -10.16 45.48
N GLY B 1076 21.12 -9.39 46.02
CA GLY B 1076 21.21 -7.98 45.67
C GLY B 1076 21.96 -7.70 44.39
N GLN B 1077 22.81 -8.62 43.95
CA GLN B 1077 23.59 -8.39 42.73
C GLN B 1077 22.77 -8.60 41.47
N ILE B 1078 21.79 -9.52 41.50
CA ILE B 1078 21.01 -9.80 40.30
C ILE B 1078 20.04 -8.68 39.99
N THR B 1079 19.64 -7.90 41.00
CA THR B 1079 18.70 -6.80 40.78
C THR B 1079 19.31 -5.72 39.89
N ILE B 1080 20.59 -5.42 40.08
CA ILE B 1080 21.26 -4.41 39.25
C ILE B 1080 21.30 -4.86 37.80
N SER B 1081 21.65 -6.13 37.57
CA SER B 1081 21.71 -6.66 36.21
C SER B 1081 20.33 -6.67 35.57
N GLY B 1082 19.30 -7.05 36.33
CA GLY B 1082 17.96 -7.06 35.77
C GLY B 1082 17.46 -5.67 35.41
N MET B 1083 17.71 -4.69 36.29
CA MET B 1083 17.33 -3.31 36.00
C MET B 1083 18.07 -2.77 34.78
N LEU B 1084 19.37 -3.06 34.69
CA LEU B 1084 20.16 -2.61 33.54
C LEU B 1084 19.66 -3.23 32.25
N MET B 1085 19.34 -4.53 32.26
CA MET B 1085 18.84 -5.19 31.07
C MET B 1085 17.49 -4.64 30.65
N SER B 1086 16.59 -4.42 31.61
CA SER B 1086 15.28 -3.87 31.28
C SER B 1086 15.39 -2.46 30.70
N VAL B 1087 16.25 -1.63 31.30
CA VAL B 1087 16.45 -0.27 30.81
C VAL B 1087 17.03 -0.28 29.40
N CYS B 1088 18.02 -1.14 29.16
CA CYS B 1088 18.63 -1.20 27.83
C CYS B 1088 17.65 -1.68 26.78
N PHE B 1089 16.83 -2.70 27.09
CA PHE B 1089 15.85 -3.19 26.13
C PHE B 1089 14.79 -2.13 25.84
N LEU B 1090 14.30 -1.44 26.87
CA LEU B 1090 13.29 -0.42 26.66
C LEU B 1090 13.85 0.77 25.88
N SER B 1091 15.14 1.07 26.06
CA SER B 1091 15.75 2.16 25.30
C SER B 1091 16.01 1.77 23.86
N ILE B 1092 16.33 0.50 23.60
CA ILE B 1092 16.53 0.05 22.22
C ILE B 1092 15.21 0.02 21.47
N SER B 1093 14.13 -0.40 22.13
CA SER B 1093 12.84 -0.49 21.46
C SER B 1093 12.35 0.87 20.98
N ARG B 1094 12.59 1.92 21.77
CA ARG B 1094 12.23 3.27 21.36
C ARG B 1094 13.31 3.84 20.45
N ALA B 1095 12.91 4.40 19.31
CA ALA B 1095 13.86 4.93 18.35
C ALA B 1095 13.33 6.23 17.75
N ARG B 1096 14.25 7.05 17.25
CA ARG B 1096 13.92 8.30 16.59
C ARG B 1096 14.56 8.35 15.22
N SER B 1097 14.01 9.19 14.35
CA SER B 1097 14.44 9.23 12.96
C SER B 1097 15.59 10.22 12.75
N VAL B 1098 16.39 9.92 11.73
CA VAL B 1098 17.51 10.77 11.33
C VAL B 1098 16.99 11.83 10.37
N GLU B 1099 17.80 12.86 10.11
CA GLU B 1099 17.33 14.01 9.35
C GLU B 1099 17.08 13.68 7.88
N GLY B 1100 18.02 13.02 7.22
CA GLY B 1100 17.93 12.80 5.80
C GLY B 1100 18.24 11.36 5.40
N LEU B 1101 17.79 11.01 4.21
CA LEU B 1101 18.02 9.67 3.68
C LEU B 1101 19.46 9.49 3.23
N SER B 1102 19.97 8.27 3.40
CA SER B 1102 21.35 7.95 3.05
C SER B 1102 21.39 6.97 1.88
N LYS B 1103 22.57 6.88 1.26
CA LYS B 1103 22.73 6.03 0.09
C LYS B 1103 22.82 4.55 0.43
N GLU B 1104 23.40 4.22 1.59
CA GLU B 1104 23.57 2.83 1.97
C GLU B 1104 22.29 2.29 2.61
N ARG B 1105 21.82 1.15 2.12
CA ARG B 1105 20.61 0.54 2.64
C ARG B 1105 20.91 -0.31 3.87
N PRO B 1106 19.93 -0.48 4.78
CA PRO B 1106 20.16 -1.30 5.97
C PRO B 1106 20.18 -2.79 5.66
N GLN B 1107 20.41 -3.62 6.68
CA GLN B 1107 20.42 -5.06 6.49
C GLN B 1107 19.00 -5.57 6.28
N PRO B 1108 18.69 -6.21 5.16
CA PRO B 1108 17.31 -6.66 4.90
C PRO B 1108 16.81 -7.74 5.85
N ASN B 1109 17.51 -8.86 5.92
CA ASN B 1109 17.05 -10.01 6.70
C ASN B 1109 18.05 -10.31 7.81
N ILE B 1110 17.77 -11.38 8.56
CA ILE B 1110 18.57 -11.76 9.71
C ILE B 1110 19.32 -13.07 9.51
N PHE B 1111 19.01 -13.83 8.46
CA PHE B 1111 19.60 -15.16 8.28
C PHE B 1111 20.66 -15.18 7.19
N ASN B 1112 21.46 -14.12 7.07
CA ASN B 1112 22.61 -14.14 6.18
C ASN B 1112 23.84 -14.59 6.94
N PHE B 1113 25.00 -14.55 6.27
CA PHE B 1113 26.22 -15.02 6.89
C PHE B 1113 26.76 -14.06 7.94
N TYR B 1114 26.54 -12.75 7.75
CA TYR B 1114 27.12 -11.75 8.64
C TYR B 1114 26.52 -11.85 10.04
N ILE B 1115 25.20 -11.91 10.15
CA ILE B 1115 24.54 -11.91 11.46
C ILE B 1115 24.88 -13.18 12.23
N ILE B 1116 24.74 -14.35 11.58
CA ILE B 1116 25.01 -15.62 12.23
C ILE B 1116 26.49 -15.73 12.61
N GLY B 1117 27.38 -15.28 11.72
CA GLY B 1117 28.79 -15.32 12.02
C GLY B 1117 29.16 -14.44 13.20
N SER B 1118 28.59 -13.23 13.25
CA SER B 1118 28.87 -12.33 14.37
C SER B 1118 28.36 -12.90 15.68
N ILE B 1119 27.15 -13.47 15.67
CA ILE B 1119 26.57 -14.04 16.88
C ILE B 1119 27.42 -15.20 17.38
N LEU B 1120 27.80 -16.10 16.48
CA LEU B 1120 28.59 -17.26 16.88
C LEU B 1120 29.98 -16.85 17.36
N GLY B 1121 30.60 -15.86 16.70
CA GLY B 1121 31.90 -15.40 17.15
C GLY B 1121 31.87 -14.76 18.52
N GLN B 1122 30.87 -13.91 18.78
CA GLN B 1122 30.76 -13.30 20.09
C GLN B 1122 30.47 -14.34 21.17
N PHE B 1123 29.62 -15.32 20.86
CA PHE B 1123 29.35 -16.39 21.82
C PHE B 1123 30.60 -17.20 22.11
N ALA B 1124 31.40 -17.50 21.08
CA ALA B 1124 32.62 -18.25 21.28
C ALA B 1124 33.62 -17.47 22.13
N VAL B 1125 33.74 -16.16 21.90
CA VAL B 1125 34.64 -15.35 22.70
C VAL B 1125 34.20 -15.33 24.16
N HIS B 1126 32.90 -15.18 24.40
CA HIS B 1126 32.39 -15.19 25.77
C HIS B 1126 32.65 -16.53 26.45
N VAL B 1127 32.43 -17.63 25.73
CA VAL B 1127 32.64 -18.97 26.29
C VAL B 1127 34.12 -19.18 26.64
N ALA B 1128 35.02 -18.78 25.73
CA ALA B 1128 36.45 -18.95 25.99
C ALA B 1128 36.90 -18.12 27.19
N THR B 1129 36.42 -16.87 27.28
CA THR B 1129 36.79 -16.03 28.42
C THR B 1129 36.28 -16.61 29.74
N LEU B 1130 35.03 -17.11 29.74
CA LEU B 1130 34.48 -17.70 30.96
C LEU B 1130 35.24 -18.96 31.36
N ILE B 1131 35.61 -19.79 30.39
CA ILE B 1131 36.36 -21.00 30.70
C ILE B 1131 37.73 -20.67 31.27
N TYR B 1132 38.41 -19.69 30.67
CA TYR B 1132 39.73 -19.28 31.18
C TYR B 1132 39.63 -18.73 32.59
N ILE B 1133 38.64 -17.89 32.86
CA ILE B 1133 38.49 -17.31 34.19
C ILE B 1133 38.18 -18.38 35.22
N ALA B 1134 37.29 -19.33 34.87
CA ALA B 1134 36.96 -20.40 35.81
C ALA B 1134 38.18 -21.28 36.09
N GLN B 1135 38.95 -21.60 35.06
CA GLN B 1135 40.14 -22.43 35.24
C GLN B 1135 41.18 -21.74 36.13
N LEU B 1136 41.43 -20.45 35.87
CA LEU B 1136 42.43 -19.75 36.66
C LEU B 1136 41.95 -19.54 38.11
N CYS B 1137 40.65 -19.30 38.30
CA CYS B 1137 40.13 -19.15 39.64
C CYS B 1137 40.17 -20.46 40.41
N ASP B 1138 39.94 -21.59 39.75
CA ASP B 1138 40.10 -22.87 40.40
C ASP B 1138 41.56 -23.14 40.74
N GLN B 1139 42.47 -22.73 39.86
CA GLN B 1139 43.89 -22.91 40.12
C GLN B 1139 44.34 -22.08 41.32
N ILE B 1140 43.85 -20.84 41.44
CA ILE B 1140 44.26 -19.97 42.53
C ILE B 1140 43.72 -20.50 43.87
N GLU B 1141 42.43 -20.81 43.90
CA GLU B 1141 41.78 -21.30 45.13
C GLU B 1141 41.19 -22.69 44.87
N PRO B 1142 41.83 -23.76 45.34
CA PRO B 1142 41.29 -25.09 45.13
C PRO B 1142 40.04 -25.33 45.96
N ARG B 1143 39.19 -26.23 45.47
CA ARG B 1143 37.96 -26.62 46.15
C ARG B 1143 38.07 -28.09 46.55
N THR B 1144 37.86 -28.36 47.84
CA THR B 1144 37.97 -29.71 48.37
C THR B 1144 36.64 -30.29 48.85
N GLU B 1145 35.62 -29.47 49.01
CA GLU B 1145 34.33 -29.94 49.48
C GLU B 1145 33.48 -30.43 48.31
N VAL B 1146 32.24 -30.80 48.60
CA VAL B 1146 31.32 -31.29 47.58
C VAL B 1146 30.50 -30.10 47.07
N ILE B 1147 29.97 -30.26 45.86
CA ILE B 1147 29.16 -29.22 45.23
C ILE B 1147 27.72 -29.41 45.68
N ASP B 1148 27.18 -28.42 46.38
CA ASP B 1148 25.81 -28.45 46.87
C ASP B 1148 24.92 -27.62 45.97
N LEU B 1149 23.85 -28.23 45.46
CA LEU B 1149 22.93 -27.55 44.56
C LEU B 1149 21.83 -26.81 45.29
N GLU B 1150 21.75 -26.94 46.62
CA GLU B 1150 20.73 -26.26 47.41
C GLU B 1150 21.32 -25.28 48.41
N ALA B 1151 22.64 -25.12 48.46
CA ALA B 1151 23.25 -24.18 49.38
C ALA B 1151 22.95 -22.75 48.96
N GLU B 1152 22.89 -21.86 49.95
CA GLU B 1152 22.58 -20.45 49.71
C GLU B 1152 23.82 -19.72 49.20
N PHE B 1153 23.70 -18.41 49.03
CA PHE B 1153 24.81 -17.61 48.52
C PHE B 1153 25.90 -17.46 49.56
N LYS B 1154 27.15 -17.68 49.14
CA LYS B 1154 28.31 -17.52 49.99
C LYS B 1154 29.36 -16.73 49.23
N PRO B 1155 29.97 -15.71 49.84
CA PRO B 1155 31.00 -14.94 49.14
C PRO B 1155 32.23 -15.79 48.87
N SER B 1156 32.70 -15.74 47.63
CA SER B 1156 33.88 -16.51 47.22
C SER B 1156 34.50 -15.83 46.00
N LEU B 1157 35.73 -16.25 45.69
CA LEU B 1157 36.44 -15.70 44.54
C LEU B 1157 35.74 -16.05 43.23
N LEU B 1158 35.28 -17.31 43.11
CA LEU B 1158 34.67 -17.75 41.86
C LEU B 1158 33.37 -17.00 41.57
N ASN B 1159 32.52 -16.83 42.60
CA ASN B 1159 31.25 -16.14 42.39
C ASN B 1159 31.46 -14.68 41.98
N SER B 1160 32.37 -14.00 42.66
CA SER B 1160 32.65 -12.60 42.33
C SER B 1160 33.25 -12.46 40.94
N ALA B 1161 34.19 -13.33 40.58
CA ALA B 1161 34.82 -13.26 39.27
C ALA B 1161 33.81 -13.52 38.17
N VAL B 1162 32.97 -14.54 38.35
CA VAL B 1162 31.96 -14.86 37.34
C VAL B 1162 30.93 -13.75 37.23
N TYR B 1163 30.53 -13.16 38.35
CA TYR B 1163 29.56 -12.06 38.32
C TYR B 1163 30.12 -10.85 37.58
N LEU B 1164 31.38 -10.49 37.84
CA LEU B 1164 31.98 -9.36 37.15
C LEU B 1164 32.11 -9.63 35.66
N LEU B 1165 32.54 -10.83 35.28
CA LEU B 1165 32.68 -11.16 33.87
C LEU B 1165 31.33 -11.17 33.17
N GLN B 1166 30.29 -11.68 33.84
CA GLN B 1166 28.96 -11.68 33.24
C GLN B 1166 28.41 -10.27 33.07
N LEU B 1167 28.67 -9.39 34.05
CA LEU B 1167 28.24 -8.00 33.91
C LEU B 1167 28.95 -7.32 32.73
N ILE B 1168 30.25 -7.55 32.59
CA ILE B 1168 30.98 -6.95 31.48
C ILE B 1168 30.47 -7.49 30.14
N GLN B 1169 30.17 -8.79 30.09
CA GLN B 1169 29.64 -9.38 28.86
C GLN B 1169 28.26 -8.83 28.51
N GLN B 1170 27.41 -8.63 29.53
CA GLN B 1170 26.10 -8.06 29.27
C GLN B 1170 26.18 -6.61 28.82
N ILE B 1171 27.19 -5.88 29.29
CA ILE B 1171 27.42 -4.52 28.78
C ILE B 1171 27.90 -4.59 27.33
N SER B 1172 28.80 -5.52 27.03
CA SER B 1172 29.36 -5.63 25.68
C SER B 1172 28.34 -6.06 24.66
N THR B 1173 27.35 -6.86 25.06
CA THR B 1173 26.31 -7.27 24.11
C THR B 1173 25.43 -6.09 23.68
N PHE B 1174 25.40 -5.01 24.45
CA PHE B 1174 24.60 -3.84 24.12
C PHE B 1174 25.42 -2.70 23.53
N ALA B 1175 26.70 -2.58 23.89
CA ALA B 1175 27.51 -1.47 23.42
C ALA B 1175 28.31 -1.76 22.16
N VAL B 1176 28.15 -2.95 21.57
CA VAL B 1176 28.89 -3.33 20.37
C VAL B 1176 27.98 -3.53 19.18
N ASN B 1177 26.82 -4.17 19.38
CA ASN B 1177 25.87 -4.44 18.30
C ASN B 1177 24.88 -3.32 18.09
N TYR B 1178 25.25 -2.08 18.41
CA TYR B 1178 24.37 -0.93 18.27
C TYR B 1178 24.94 -0.02 17.19
N GLN B 1179 24.21 0.09 16.08
CA GLN B 1179 24.58 0.98 14.98
C GLN B 1179 23.48 2.02 14.81
N GLY B 1180 23.87 3.29 14.80
CA GLY B 1180 22.90 4.35 14.65
C GLY B 1180 23.41 5.58 13.91
N ARG B 1181 24.59 5.46 13.28
CA ARG B 1181 25.17 6.65 12.66
C ARG B 1181 24.39 7.14 11.43
N PRO B 1182 24.10 6.32 10.42
CA PRO B 1182 23.33 6.86 9.28
C PRO B 1182 21.84 6.56 9.28
N PHE B 1183 21.32 5.79 10.25
CA PHE B 1183 19.90 5.41 10.25
C PHE B 1183 19.15 5.77 11.52
N ARG B 1184 19.82 6.22 12.57
CA ARG B 1184 19.14 6.48 13.83
C ARG B 1184 19.84 7.65 14.51
N GLU B 1185 19.60 7.81 15.80
CA GLU B 1185 20.35 8.77 16.61
C GLU B 1185 21.58 8.08 17.18
N SER B 1186 22.61 8.87 17.43
CA SER B 1186 23.86 8.32 17.95
C SER B 1186 23.66 7.84 19.39
N LEU B 1187 24.60 7.02 19.85
CA LEU B 1187 24.52 6.47 21.19
C LEU B 1187 24.63 7.55 22.26
N SER B 1188 25.33 8.64 21.96
CA SER B 1188 25.47 9.72 22.92
C SER B 1188 24.14 10.45 23.14
N GLU B 1189 23.29 10.51 22.13
CA GLU B 1189 22.00 11.19 22.25
C GLU B 1189 20.93 10.31 22.87
N ASN B 1190 21.21 9.02 23.09
CA ASN B 1190 20.27 8.11 23.72
C ASN B 1190 20.48 8.19 25.22
N LYS B 1191 19.72 9.07 25.88
CA LYS B 1191 19.93 9.32 27.31
C LYS B 1191 19.54 8.12 28.17
N GLY B 1192 18.56 7.34 27.74
CA GLY B 1192 18.12 6.20 28.53
C GLY B 1192 19.18 5.10 28.65
N MET B 1193 19.93 4.88 27.57
CA MET B 1193 20.90 3.79 27.52
C MET B 1193 22.33 4.21 27.86
N PHE B 1194 22.74 5.40 27.39
CA PHE B 1194 24.13 5.82 27.57
C PHE B 1194 24.50 5.98 29.05
N TYR B 1195 23.62 6.61 29.82
CA TYR B 1195 23.89 6.80 31.25
C TYR B 1195 23.97 5.48 31.99
N GLY B 1196 23.06 4.55 31.68
CA GLY B 1196 23.11 3.25 32.33
C GLY B 1196 24.35 2.46 31.96
N ILE B 1197 24.74 2.49 30.68
CA ILE B 1197 25.95 1.79 30.25
C ILE B 1197 27.17 2.35 30.95
N VAL B 1198 27.28 3.69 30.99
CA VAL B 1198 28.43 4.34 31.61
C VAL B 1198 28.47 4.03 33.11
N GLY B 1199 27.33 4.11 33.79
CA GLY B 1199 27.31 3.85 35.22
C GLY B 1199 27.66 2.42 35.57
N VAL B 1200 27.08 1.45 34.86
CA VAL B 1200 27.36 0.05 35.16
C VAL B 1200 28.81 -0.29 34.84
N THR B 1201 29.32 0.20 33.70
CA THR B 1201 30.71 -0.08 33.35
C THR B 1201 31.67 0.54 34.35
N ALA B 1202 31.40 1.78 34.79
CA ALA B 1202 32.25 2.44 35.77
C ALA B 1202 32.23 1.70 37.10
N ILE B 1203 31.05 1.26 37.54
CA ILE B 1203 30.94 0.53 38.80
C ILE B 1203 31.70 -0.79 38.74
N ALA B 1204 31.52 -1.53 37.63
CA ALA B 1204 32.20 -2.81 37.48
C ALA B 1204 33.72 -2.64 37.42
N PHE B 1205 34.20 -1.65 36.68
CA PHE B 1205 35.64 -1.45 36.59
C PHE B 1205 36.22 -0.94 37.91
N ALA B 1206 35.47 -0.10 38.64
CA ALA B 1206 35.93 0.36 39.94
C ALA B 1206 36.02 -0.78 40.94
N CYS B 1207 35.05 -1.70 40.91
CA CYS B 1207 35.11 -2.85 41.81
C CYS B 1207 36.18 -3.84 41.38
N SER B 1208 36.47 -3.92 40.08
CA SER B 1208 37.55 -4.80 39.62
C SER B 1208 38.91 -4.27 40.03
N THR B 1209 39.15 -2.97 39.83
CA THR B 1209 40.43 -2.38 40.19
C THR B 1209 40.55 -2.09 41.68
N GLU B 1210 39.45 -2.19 42.43
CA GLU B 1210 39.43 -2.07 43.89
C GLU B 1210 39.99 -0.73 44.37
N MET B 1211 39.31 0.35 43.98
CA MET B 1211 39.64 1.67 44.49
C MET B 1211 38.68 2.14 45.58
N LEU B 1212 37.53 1.48 45.72
CA LEU B 1212 36.56 1.80 46.78
C LEU B 1212 36.29 0.56 47.61
N PRO B 1213 36.94 0.41 48.77
CA PRO B 1213 36.72 -0.80 49.59
C PRO B 1213 35.30 -0.96 50.10
N GLU B 1214 34.55 0.14 50.20
CA GLU B 1214 33.17 0.06 50.67
C GLU B 1214 32.27 -0.59 49.63
N LEU B 1215 32.58 -0.39 48.35
CA LEU B 1215 31.73 -0.90 47.28
C LEU B 1215 31.70 -2.42 47.25
N ASN B 1216 32.86 -3.06 47.50
CA ASN B 1216 32.90 -4.52 47.52
C ASN B 1216 32.08 -5.09 48.67
N GLU B 1217 32.15 -4.46 49.84
CA GLU B 1217 31.34 -4.88 50.97
C GLU B 1217 29.87 -4.57 50.77
N ALA B 1218 29.54 -3.61 49.89
CA ALA B 1218 28.15 -3.23 49.68
C ALA B 1218 27.33 -4.36 49.07
N MET B 1219 27.90 -5.09 48.11
CA MET B 1219 27.19 -6.14 47.41
C MET B 1219 27.89 -7.49 47.55
N LYS B 1220 28.51 -7.72 48.71
CA LYS B 1220 29.04 -9.02 49.15
C LYS B 1220 30.07 -9.57 48.15
N LEU B 1221 31.18 -8.87 48.05
CA LEU B 1221 32.31 -9.30 47.23
C LEU B 1221 33.50 -9.65 48.10
N VAL B 1222 34.33 -10.54 47.59
CA VAL B 1222 35.51 -11.03 48.31
C VAL B 1222 36.72 -10.19 47.92
N PRO B 1223 37.58 -9.80 48.88
CA PRO B 1223 38.78 -9.03 48.52
C PRO B 1223 39.68 -9.81 47.57
N PHE B 1224 40.28 -9.09 46.63
CA PHE B 1224 41.04 -9.69 45.55
C PHE B 1224 42.53 -9.61 45.81
N ASN B 1225 43.25 -10.61 45.31
CA ASN B 1225 44.71 -10.60 45.38
C ASN B 1225 45.27 -9.59 44.39
N GLU B 1226 46.52 -9.18 44.62
CA GLU B 1226 47.16 -8.20 43.75
C GLU B 1226 47.36 -8.76 42.34
N ASN B 1227 47.74 -10.04 42.23
CA ASN B 1227 47.98 -10.63 40.92
C ASN B 1227 46.67 -10.91 40.19
N PHE B 1228 45.59 -11.21 40.92
CA PHE B 1228 44.32 -11.53 40.29
C PHE B 1228 43.66 -10.29 39.68
N LYS B 1229 43.96 -9.11 40.23
CA LYS B 1229 43.35 -7.87 39.76
C LYS B 1229 43.73 -7.57 38.32
N THR B 1230 45.03 -7.67 38.00
CA THR B 1230 45.49 -7.40 36.64
C THR B 1230 44.92 -8.41 35.66
N ILE B 1231 44.83 -9.68 36.06
CA ILE B 1231 44.26 -10.70 35.19
C ILE B 1231 42.79 -10.42 34.91
N MET B 1232 42.03 -10.03 35.94
CA MET B 1232 40.62 -9.72 35.77
C MET B 1232 40.42 -8.54 34.81
N THR B 1233 41.16 -7.45 35.03
CA THR B 1233 41.04 -6.29 34.15
C THR B 1233 41.46 -6.64 32.72
N THR B 1234 42.54 -7.43 32.59
CA THR B 1234 43.03 -7.81 31.27
C THR B 1234 42.01 -8.65 30.51
N VAL B 1235 41.39 -9.63 31.18
CA VAL B 1235 40.43 -10.46 30.46
C VAL B 1235 39.16 -9.68 30.13
N MET B 1236 38.75 -8.74 30.98
CA MET B 1236 37.58 -7.93 30.64
C MET B 1236 37.85 -7.06 29.41
N ILE B 1237 39.01 -6.39 29.38
CA ILE B 1237 39.35 -5.55 28.23
C ILE B 1237 39.52 -6.41 26.99
N ILE B 1238 40.11 -7.60 27.13
CA ILE B 1238 40.30 -8.50 26.00
C ILE B 1238 38.96 -8.94 25.43
N ASP B 1239 38.00 -9.26 26.31
CA ASP B 1239 36.67 -9.65 25.85
C ASP B 1239 36.01 -8.54 25.07
N PHE B 1240 36.05 -7.31 25.60
CA PHE B 1240 35.42 -6.18 24.91
C PHE B 1240 36.07 -5.93 23.55
N VAL B 1241 37.40 -5.89 23.51
CA VAL B 1241 38.11 -5.59 22.27
C VAL B 1241 37.89 -6.70 21.24
N ALA B 1242 37.92 -7.96 21.68
CA ALA B 1242 37.72 -9.06 20.75
C ALA B 1242 36.32 -9.06 20.16
N CYS B 1243 35.30 -8.77 20.97
CA CYS B 1243 33.94 -8.70 20.43
C CYS B 1243 33.82 -7.56 19.42
N TYR B 1244 34.39 -6.39 19.73
CA TYR B 1244 34.33 -5.27 18.80
C TYR B 1244 35.05 -5.57 17.49
N VAL B 1245 36.23 -6.20 17.57
CA VAL B 1245 37.00 -6.49 16.37
C VAL B 1245 36.30 -7.53 15.50
N ILE B 1246 35.72 -8.56 16.12
CA ILE B 1246 35.01 -9.58 15.36
C ILE B 1246 33.80 -8.97 14.65
N GLU B 1247 33.04 -8.14 15.37
CA GLU B 1247 31.89 -7.50 14.74
C GLU B 1247 32.29 -6.60 13.58
N TRP B 1248 33.37 -5.81 13.77
CA TRP B 1248 33.81 -4.91 12.70
C TRP B 1248 34.29 -5.68 11.47
N VAL B 1249 35.06 -6.74 11.68
CA VAL B 1249 35.58 -7.51 10.54
C VAL B 1249 34.44 -8.19 9.79
N LEU B 1250 33.53 -8.83 10.52
CA LEU B 1250 32.43 -9.51 9.85
C LEU B 1250 31.43 -8.55 9.22
N LYS B 1251 31.37 -7.30 9.69
CA LYS B 1251 30.56 -6.31 8.99
C LYS B 1251 31.25 -5.81 7.74
N LYS B 1252 32.58 -5.69 7.77
CA LYS B 1252 33.30 -5.20 6.60
C LYS B 1252 33.40 -6.28 5.52
N LEU B 1253 33.23 -7.55 5.86
CA LEU B 1253 33.44 -8.60 4.88
C LEU B 1253 32.16 -9.07 4.19
N PHE B 1254 31.02 -9.10 4.87
CA PHE B 1254 29.81 -9.71 4.31
C PHE B 1254 28.59 -8.82 4.50
N SER B 1255 28.72 -7.54 4.15
CA SER B 1255 27.63 -6.59 4.31
C SER B 1255 26.84 -6.48 3.01
N ASP B 1256 25.53 -6.66 3.09
CA ASP B 1256 24.64 -6.48 1.94
C ASP B 1256 24.05 -5.07 1.93
N LEU B 1257 24.96 -4.09 1.93
CA LEU B 1257 24.61 -2.69 2.03
C LEU B 1257 24.57 -1.97 0.68
N ARG B 1258 24.73 -2.70 -0.42
CA ARG B 1258 24.73 -2.09 -1.74
C ARG B 1258 23.32 -1.95 -2.28
N ALA B 1259 23.18 -1.13 -3.31
CA ALA B 1259 21.90 -0.93 -3.96
C ALA B 1259 21.57 -2.10 -4.87
N ARG B 1260 20.30 -2.19 -5.27
CA ARG B 1260 19.85 -3.26 -6.15
C ARG B 1260 20.33 -3.02 -7.57
N ASP B 1261 20.06 -3.99 -8.44
CA ASP B 1261 20.48 -3.87 -9.83
C ASP B 1261 19.62 -2.89 -10.61
N ILE B 1262 18.36 -2.71 -10.21
CA ILE B 1262 17.47 -1.79 -10.91
C ILE B 1262 17.68 -0.35 -10.49
N ALA B 1263 18.38 -0.10 -9.38
CA ALA B 1263 18.60 1.25 -8.87
C ALA B 1263 19.99 1.77 -9.17
N GLU B 1264 20.74 1.12 -10.06
CA GLU B 1264 22.07 1.58 -10.42
C GLU B 1264 21.98 2.89 -11.19
N ARG B 1265 22.88 3.81 -10.87
CA ARG B 1265 22.92 5.13 -11.50
C ARG B 1265 24.12 5.25 -12.41
N ARG B 1266 23.90 5.82 -13.60
CA ARG B 1266 24.97 6.05 -14.54
C ARG B 1266 25.93 7.12 -14.01
N PRO B 1267 27.18 7.13 -14.47
CA PRO B 1267 28.12 8.16 -14.01
C PRO B 1267 27.70 9.59 -14.34
N ASP B 1268 26.93 9.78 -15.43
CA ASP B 1268 26.49 11.13 -15.77
C ASP B 1268 25.55 11.69 -14.71
N GLN B 1269 24.61 10.88 -14.23
CA GLN B 1269 23.68 11.35 -13.21
C GLN B 1269 24.40 11.61 -11.89
N LEU B 1270 25.37 10.77 -11.54
CA LEU B 1270 26.15 11.00 -10.33
C LEU B 1270 26.96 12.30 -10.45
N GLU B 1271 27.54 12.55 -11.62
CA GLU B 1271 28.30 13.78 -11.82
C GLU B 1271 27.41 15.01 -11.73
N ARG B 1272 26.21 14.93 -12.31
CA ARG B 1272 25.28 16.05 -12.24
C ARG B 1272 24.83 16.31 -10.80
N GLU B 1273 24.55 15.23 -10.05
CA GLU B 1273 24.18 15.38 -8.65
C GLU B 1273 25.31 15.98 -7.84
N ARG B 1274 26.54 15.55 -8.08
CA ARG B 1274 27.69 16.10 -7.37
C ARG B 1274 27.88 17.58 -7.69
N VAL B 1275 27.70 17.96 -8.97
CA VAL B 1275 27.82 19.36 -9.36
C VAL B 1275 26.77 20.21 -8.67
N ARG B 1276 25.52 19.73 -8.64
CA ARG B 1276 24.45 20.49 -7.98
C ARG B 1276 24.70 20.60 -6.48
N LYS B 1277 25.18 19.53 -5.85
CA LYS B 1277 25.48 19.57 -4.42
C LYS B 1277 26.60 20.54 -4.12
N GLU B 1278 27.64 20.55 -4.96
CA GLU B 1278 28.75 21.48 -4.75
C GLU B 1278 28.32 22.92 -4.95
N LYS B 1279 27.46 23.18 -5.94
CA LYS B 1279 26.95 24.52 -6.16
C LYS B 1279 26.10 24.99 -4.98
N GLU B 1280 25.25 24.12 -4.45
CA GLU B 1280 24.44 24.48 -3.29
C GLU B 1280 25.31 24.71 -2.05
N ALA B 1281 26.37 23.91 -1.89
CA ALA B 1281 27.26 24.10 -0.75
C ALA B 1281 28.03 25.40 -0.86
N ARG B 1282 28.47 25.77 -2.07
CA ARG B 1282 29.19 27.02 -2.26
C ARG B 1282 28.26 28.22 -2.07
N GLU B 1283 27.00 28.08 -2.48
CA GLU B 1283 26.04 29.17 -2.31
C GLU B 1283 25.80 29.48 -0.84
N LYS B 1284 25.65 28.45 -0.02
CA LYS B 1284 25.43 28.63 1.40
C LYS B 1284 26.76 28.73 2.15
AL ALF C . -4.41 8.58 -12.18
F1 ALF C . -3.93 10.17 -11.55
F2 ALF C . -4.91 6.98 -12.81
F3 ALF C . -3.57 8.92 -13.72
F4 ALF C . -5.26 8.25 -10.65
MG MG D . -5.05 10.08 -9.88
CA CA E . 15.40 -13.79 28.40
#